data_1PCI
#
_entry.id   1PCI
#
_cell.length_a   84.000
_cell.length_b   205.400
_cell.length_c   192.200
_cell.angle_alpha   90.00
_cell.angle_beta   90.00
_cell.angle_gamma   90.00
#
_symmetry.space_group_name_H-M   'C 2 2 21'
#
_entity_poly.entity_id   1
_entity_poly.type   'polypeptide(L)'
_entity_poly.pdbx_seq_one_letter_code
;DFSIVGYSQDDLTSTERLIQLFNSWMLNHNKFYENVDEKLYRFEIFKDNLNYIDETNKKNNSYWLGLNEFADLSNDEFNE
KYVGSLIDATIEQSYDEEFINEDIVNLPENVDWRKKGAVTPVRHQGSCGSCWAFSAVATVEGINKIRTGKLVELSEQELV
DCERRSHGCKGGYPPYALEYVAKNGIHLRSKYPYKAKQGTCRAKQVGGPIVKTSGVGRVQPNNEGNLLNAIAKQPVSVVV
ESKGRPFQLYKGGIFEGPCGTKVDGAVTAVGYGKSGGKGYILIKNSWGTAWGEKGYIRIKRAPGNSPGVCGLYKSSYYPT
KN
;
_entity_poly.pdbx_strand_id   A,B,C
#
# COMPACT_ATOMS: atom_id res chain seq x y z
N LEU A 12 -20.08 -8.42 7.34
CA LEU A 12 -19.48 -7.11 6.93
C LEU A 12 -19.39 -6.09 8.10
N THR A 13 -20.09 -6.37 9.21
CA THR A 13 -20.04 -5.53 10.41
C THR A 13 -18.71 -5.84 11.03
N SER A 14 -18.28 -7.10 10.80
CA SER A 14 -17.04 -7.70 11.24
C SER A 14 -15.93 -6.68 11.16
N THR A 15 -15.95 -5.86 10.12
CA THR A 15 -14.94 -4.86 9.98
C THR A 15 -14.75 -3.95 11.19
N GLU A 16 -15.83 -3.38 11.75
CA GLU A 16 -15.64 -2.52 12.92
C GLU A 16 -15.11 -3.35 14.07
N ARG A 17 -15.56 -4.61 14.13
CA ARG A 17 -15.14 -5.57 15.14
C ARG A 17 -13.62 -5.73 15.13
N LEU A 18 -13.10 -6.04 13.95
CA LEU A 18 -11.67 -6.21 13.70
C LEU A 18 -10.89 -4.99 14.01
N ILE A 19 -11.35 -3.85 13.52
CA ILE A 19 -10.63 -2.63 13.77
C ILE A 19 -10.53 -2.43 15.27
N GLN A 20 -11.67 -2.47 15.96
CA GLN A 20 -11.77 -2.29 17.43
C GLN A 20 -10.79 -3.23 18.12
N LEU A 21 -10.81 -4.47 17.67
CA LEU A 21 -9.95 -5.52 18.17
C LEU A 21 -8.44 -5.23 17.91
N PHE A 22 -8.04 -4.96 16.66
CA PHE A 22 -6.64 -4.65 16.35
C PHE A 22 -6.19 -3.53 17.33
N ASN A 23 -7.10 -2.58 17.56
CA ASN A 23 -6.82 -1.47 18.45
C ASN A 23 -6.38 -1.80 19.87
N SER A 24 -7.01 -2.80 20.51
CA SER A 24 -6.67 -3.19 21.88
C SER A 24 -5.35 -3.91 21.86
N TRP A 25 -5.22 -4.83 20.90
CA TRP A 25 -3.99 -5.59 20.71
C TRP A 25 -2.84 -4.58 20.63
N MET A 26 -3.08 -3.49 19.94
CA MET A 26 -2.08 -2.46 19.82
C MET A 26 -1.60 -1.87 21.17
N LEU A 27 -2.48 -1.24 21.96
CA LEU A 27 -1.99 -0.67 23.20
C LEU A 27 -1.62 -1.72 24.23
N ASN A 28 -2.20 -2.91 24.10
CA ASN A 28 -1.86 -4.00 25.02
C ASN A 28 -0.45 -4.51 24.79
N HIS A 29 0.15 -4.08 23.68
CA HIS A 29 1.53 -4.46 23.33
C HIS A 29 2.32 -3.20 23.02
N ASN A 30 1.98 -2.07 23.64
CA ASN A 30 2.64 -0.77 23.43
C ASN A 30 3.20 -0.52 22.01
N LYS A 31 2.30 -0.56 21.03
CA LYS A 31 2.58 -0.36 19.61
C LYS A 31 2.10 1.02 19.11
N PHE A 32 3.00 1.79 18.51
CA PHE A 32 2.68 3.12 17.97
C PHE A 32 3.24 3.05 16.55
N TYR A 33 2.64 3.81 15.63
CA TYR A 33 3.07 3.90 14.22
C TYR A 33 3.11 5.40 13.88
N GLU A 34 4.14 5.90 13.19
CA GLU A 34 4.16 7.36 12.96
C GLU A 34 3.15 7.95 11.98
N ASN A 35 2.96 7.25 10.85
CA ASN A 35 2.04 7.67 9.79
C ASN A 35 0.81 6.75 9.70
N VAL A 36 -0.30 7.28 9.20
CA VAL A 36 -1.53 6.50 9.08
C VAL A 36 -1.47 5.24 8.18
N ASP A 37 -0.79 5.35 7.05
CA ASP A 37 -0.66 4.23 6.13
C ASP A 37 0.04 3.01 6.68
N GLU A 38 0.95 3.18 7.63
CA GLU A 38 1.59 1.99 8.16
C GLU A 38 0.52 1.20 8.90
N LYS A 39 -0.26 1.90 9.71
CA LYS A 39 -1.31 1.22 10.48
C LYS A 39 -2.19 0.42 9.56
N LEU A 40 -2.55 1.05 8.46
CA LEU A 40 -3.38 0.42 7.41
C LEU A 40 -2.75 -0.88 6.90
N TYR A 41 -1.44 -0.83 6.66
CA TYR A 41 -0.66 -1.94 6.21
C TYR A 41 -0.65 -3.04 7.29
N ARG A 42 -0.29 -2.63 8.50
CA ARG A 42 -0.21 -3.50 9.65
C ARG A 42 -1.51 -4.20 9.88
N PHE A 43 -2.58 -3.42 9.84
CA PHE A 43 -3.91 -3.97 10.03
C PHE A 43 -4.13 -5.15 9.04
N GLU A 44 -3.73 -4.94 7.77
CA GLU A 44 -3.88 -5.96 6.73
C GLU A 44 -3.11 -7.27 6.98
N ILE A 45 -1.93 -7.14 7.59
CA ILE A 45 -1.05 -8.25 7.93
C ILE A 45 -1.76 -9.03 9.00
N PHE A 46 -2.10 -8.28 10.05
CA PHE A 46 -2.81 -8.74 11.24
C PHE A 46 -3.96 -9.65 10.85
N LYS A 47 -4.83 -9.10 10.02
CA LYS A 47 -6.00 -9.81 9.49
C LYS A 47 -5.58 -11.17 8.89
N ASP A 48 -4.59 -11.14 8.01
CA ASP A 48 -4.12 -12.35 7.39
C ASP A 48 -3.68 -13.35 8.46
N ASN A 49 -2.86 -12.88 9.39
CA ASN A 49 -2.35 -13.74 10.46
C ASN A 49 -3.51 -14.41 11.17
N LEU A 50 -4.45 -13.59 11.60
CA LEU A 50 -5.64 -14.09 12.27
C LEU A 50 -6.31 -15.26 11.55
N ASN A 51 -6.40 -15.15 10.22
CA ASN A 51 -6.98 -16.22 9.44
C ASN A 51 -6.20 -17.50 9.55
N TYR A 52 -4.88 -17.38 9.49
CA TYR A 52 -3.98 -18.54 9.58
C TYR A 52 -4.22 -19.16 10.92
N ILE A 53 -4.36 -18.30 11.93
CA ILE A 53 -4.62 -18.71 13.31
C ILE A 53 -5.92 -19.52 13.48
N ASP A 54 -6.96 -19.21 12.72
CA ASP A 54 -8.20 -19.96 12.82
C ASP A 54 -8.15 -21.27 12.07
N GLU A 55 -7.83 -21.22 10.78
CA GLU A 55 -7.75 -22.41 9.93
C GLU A 55 -6.94 -23.48 10.65
N THR A 56 -6.00 -22.98 11.44
CA THR A 56 -5.09 -23.82 12.15
C THR A 56 -5.57 -24.30 13.55
N ASN A 57 -6.32 -23.48 14.27
CA ASN A 57 -6.80 -23.91 15.57
C ASN A 57 -7.92 -24.89 15.44
N LYS A 58 -8.68 -24.74 14.36
CA LYS A 58 -9.78 -25.64 14.04
C LYS A 58 -9.23 -27.03 13.76
N LYS A 59 -7.95 -27.12 13.38
CA LYS A 59 -7.32 -28.40 13.07
C LYS A 59 -7.40 -29.43 14.19
N ASN A 60 -7.70 -28.97 15.41
CA ASN A 60 -7.83 -29.88 16.55
C ASN A 60 -6.53 -30.64 16.87
N ASN A 61 -5.48 -29.88 17.20
CA ASN A 61 -4.23 -30.50 17.60
C ASN A 61 -4.10 -30.26 19.11
N SER A 62 -2.89 -30.43 19.63
CA SER A 62 -2.62 -30.30 21.06
C SER A 62 -2.07 -28.99 21.61
N TYR A 63 -2.11 -27.93 20.80
CA TYR A 63 -1.62 -26.60 21.18
C TYR A 63 -2.45 -25.57 20.42
N TRP A 64 -2.24 -24.30 20.69
CA TRP A 64 -3.00 -23.27 19.99
C TRP A 64 -2.17 -22.02 19.66
N LEU A 65 -2.44 -21.46 18.48
CA LEU A 65 -1.76 -20.25 18.01
C LEU A 65 -2.57 -19.06 18.45
N GLY A 66 -1.97 -17.87 18.50
CA GLY A 66 -2.72 -16.69 18.93
C GLY A 66 -2.13 -15.35 18.59
N LEU A 67 -2.86 -14.30 18.91
CA LEU A 67 -2.41 -12.94 18.67
C LEU A 67 -1.33 -12.43 19.64
N ASN A 68 -0.17 -13.10 19.62
CA ASN A 68 0.96 -12.75 20.46
C ASN A 68 1.72 -11.48 20.00
N GLU A 69 2.91 -11.29 20.55
CA GLU A 69 3.79 -10.14 20.30
C GLU A 69 4.10 -9.85 18.83
N PHE A 70 4.04 -10.89 18.01
CA PHE A 70 4.34 -10.81 16.58
C PHE A 70 3.16 -10.88 15.61
N ALA A 71 1.94 -10.72 16.11
CA ALA A 71 0.74 -10.75 15.29
C ALA A 71 0.82 -9.68 14.20
N ASP A 72 1.48 -8.60 14.58
CA ASP A 72 1.77 -7.40 13.83
C ASP A 72 2.52 -7.61 12.50
N LEU A 73 3.50 -8.50 12.54
CA LEU A 73 4.42 -8.77 11.45
C LEU A 73 4.13 -9.96 10.58
N SER A 74 4.75 -9.94 9.40
CA SER A 74 4.65 -11.00 8.39
C SER A 74 5.70 -12.03 8.74
N ASN A 75 5.58 -13.24 8.19
CA ASN A 75 6.58 -14.27 8.51
C ASN A 75 8.01 -13.93 8.08
N ASP A 76 8.21 -13.51 6.82
CA ASP A 76 9.56 -13.17 6.32
C ASP A 76 10.20 -12.07 7.17
N GLU A 77 9.37 -11.11 7.54
CA GLU A 77 9.78 -9.96 8.35
C GLU A 77 10.24 -10.40 9.74
N PHE A 78 9.54 -11.40 10.27
CA PHE A 78 9.80 -11.97 11.56
C PHE A 78 11.18 -12.68 11.54
N ASN A 79 11.48 -13.46 10.53
CA ASN A 79 12.78 -14.14 10.45
C ASN A 79 13.93 -13.16 10.30
N GLU A 80 13.62 -12.02 9.69
CA GLU A 80 14.61 -11.00 9.45
C GLU A 80 15.25 -10.46 10.69
N LYS A 81 14.40 -10.05 11.63
CA LYS A 81 14.88 -9.46 12.87
C LYS A 81 14.96 -10.34 14.11
N TYR A 82 14.26 -11.45 14.10
CA TYR A 82 14.26 -12.28 15.28
C TYR A 82 14.72 -13.70 15.23
N VAL A 83 14.90 -14.35 14.08
CA VAL A 83 15.35 -15.75 14.14
C VAL A 83 16.68 -15.89 14.91
N GLY A 84 17.61 -14.96 14.67
CA GLY A 84 18.90 -14.96 15.35
C GLY A 84 19.64 -16.28 15.21
N SER A 85 20.19 -16.50 14.02
CA SER A 85 20.87 -17.73 13.62
C SER A 85 22.04 -18.35 14.37
N LEU A 86 22.36 -19.56 13.91
CA LEU A 86 23.42 -20.42 14.41
C LEU A 86 24.42 -20.57 13.27
N ILE A 87 25.68 -20.86 13.60
CA ILE A 87 26.73 -21.11 12.59
C ILE A 87 27.11 -22.59 12.83
N ASP A 88 28.00 -23.21 12.08
CA ASP A 88 28.32 -24.62 12.41
C ASP A 88 29.73 -25.10 12.17
N ALA A 89 30.21 -25.97 13.06
CA ALA A 89 31.55 -26.55 12.91
C ALA A 89 31.36 -28.05 12.71
N THR A 90 32.39 -28.74 12.24
CA THR A 90 32.32 -30.18 11.97
C THR A 90 33.27 -30.98 12.88
N ILE A 91 33.18 -32.32 12.81
CA ILE A 91 33.99 -33.24 13.63
C ILE A 91 34.35 -32.56 14.95
N GLU A 92 33.30 -32.25 15.70
CA GLU A 92 33.35 -31.57 16.99
C GLU A 92 34.61 -31.79 17.81
N GLN A 93 34.97 -30.78 18.58
CA GLN A 93 36.15 -30.82 19.42
C GLN A 93 36.26 -31.93 20.49
N SER A 94 35.34 -32.91 20.52
CA SER A 94 35.36 -34.00 21.52
C SER A 94 35.51 -33.35 22.91
N TYR A 95 34.39 -32.92 23.45
CA TYR A 95 34.36 -32.16 24.70
C TYR A 95 34.78 -32.79 26.02
N ASP A 96 35.14 -31.94 26.98
CA ASP A 96 35.60 -32.33 28.33
C ASP A 96 35.05 -33.66 28.85
N GLU A 97 33.76 -33.71 29.13
CA GLU A 97 33.11 -34.92 29.62
C GLU A 97 31.99 -35.33 28.66
N GLU A 98 32.27 -36.35 27.84
CA GLU A 98 31.30 -36.89 26.89
C GLU A 98 30.26 -37.49 27.82
N PHE A 99 29.04 -36.97 27.76
CA PHE A 99 27.96 -37.43 28.62
C PHE A 99 28.02 -38.94 28.76
N ILE A 100 28.44 -39.41 29.94
CA ILE A 100 28.56 -40.84 30.26
C ILE A 100 27.16 -41.45 29.99
N ASN A 101 26.92 -41.69 28.70
CA ASN A 101 25.68 -42.21 28.11
C ASN A 101 24.54 -42.82 28.91
N GLU A 102 23.40 -42.12 28.92
CA GLU A 102 22.19 -42.54 29.61
C GLU A 102 21.14 -43.13 28.66
N ASP A 103 20.04 -43.66 29.22
CA ASP A 103 18.98 -44.28 28.42
C ASP A 103 17.75 -44.65 29.25
N ILE A 104 17.92 -45.66 30.10
CA ILE A 104 16.86 -46.18 30.95
C ILE A 104 16.09 -45.12 31.78
N VAL A 105 14.76 -45.10 31.60
CA VAL A 105 13.86 -44.17 32.30
C VAL A 105 13.73 -44.62 33.77
N ASN A 106 12.55 -44.40 34.36
CA ASN A 106 12.30 -44.78 35.75
C ASN A 106 13.25 -44.00 36.62
N LEU A 107 13.22 -42.72 36.25
CA LEU A 107 13.92 -41.60 36.83
C LEU A 107 12.66 -40.73 37.06
N PRO A 108 12.82 -39.50 37.54
CA PRO A 108 11.65 -38.63 37.80
C PRO A 108 10.55 -38.54 36.74
N GLU A 109 9.42 -38.01 37.16
CA GLU A 109 8.29 -37.84 36.29
C GLU A 109 8.27 -36.44 35.69
N ASN A 110 8.44 -35.45 36.56
CA ASN A 110 8.41 -34.04 36.21
C ASN A 110 9.54 -33.31 36.89
N VAL A 111 10.19 -32.45 36.12
CA VAL A 111 11.31 -31.65 36.60
C VAL A 111 11.02 -30.24 36.17
N ASP A 112 11.39 -29.29 37.00
CA ASP A 112 11.15 -27.88 36.71
C ASP A 112 12.08 -27.03 37.56
N TRP A 113 13.26 -26.72 37.00
CA TRP A 113 14.28 -25.95 37.69
C TRP A 113 13.90 -24.55 38.14
N ARG A 114 12.62 -24.21 38.00
CA ARG A 114 12.16 -22.91 38.44
C ARG A 114 11.65 -22.99 39.87
N LYS A 115 11.19 -24.20 40.24
CA LYS A 115 10.69 -24.48 41.57
C LYS A 115 11.87 -24.28 42.53
N LYS A 116 12.97 -25.00 42.28
CA LYS A 116 14.20 -24.82 43.07
C LYS A 116 14.95 -23.47 42.86
N GLY A 117 14.26 -22.35 42.61
CA GLY A 117 14.96 -21.05 42.44
C GLY A 117 16.27 -21.13 41.65
N ALA A 118 16.22 -21.71 40.45
CA ALA A 118 17.41 -21.87 39.61
C ALA A 118 17.25 -21.32 38.20
N VAL A 119 16.23 -20.51 37.97
CA VAL A 119 16.03 -19.92 36.65
C VAL A 119 15.72 -18.46 36.85
N THR A 120 16.33 -17.60 36.05
CA THR A 120 16.09 -16.17 36.19
C THR A 120 14.82 -15.76 35.40
N PRO A 121 14.38 -14.49 35.53
CA PRO A 121 13.19 -14.08 34.77
C PRO A 121 13.52 -14.23 33.26
N VAL A 122 12.51 -14.26 32.39
CA VAL A 122 12.80 -14.40 30.94
C VAL A 122 13.22 -13.04 30.34
N ARG A 123 14.02 -13.07 29.26
CA ARG A 123 14.50 -11.83 28.64
C ARG A 123 14.16 -11.68 27.15
N HIS A 124 14.46 -10.51 26.59
CA HIS A 124 14.19 -10.23 25.20
C HIS A 124 15.44 -9.86 24.42
N GLN A 125 15.85 -10.74 23.49
CA GLN A 125 17.04 -10.55 22.63
C GLN A 125 17.02 -9.46 21.56
N GLY A 126 15.91 -8.70 21.45
CA GLY A 126 15.80 -7.61 20.48
C GLY A 126 16.04 -8.00 19.04
N SER A 127 16.46 -7.03 18.21
CA SER A 127 16.76 -7.27 16.79
C SER A 127 18.22 -7.67 16.64
N CYS A 128 18.61 -8.69 17.42
CA CYS A 128 19.97 -9.25 17.47
C CYS A 128 19.97 -10.78 17.49
N GLY A 129 20.75 -11.39 16.61
CA GLY A 129 20.82 -12.84 16.54
C GLY A 129 21.71 -13.51 17.54
N SER A 130 21.49 -13.12 18.80
CA SER A 130 22.22 -13.60 19.95
C SER A 130 21.59 -14.73 20.76
N CYS A 131 20.72 -15.54 20.18
CA CYS A 131 20.13 -16.58 21.02
C CYS A 131 21.21 -17.49 21.61
N TRP A 132 22.29 -17.74 20.86
CA TRP A 132 23.38 -18.59 21.37
C TRP A 132 23.91 -18.08 22.74
N ALA A 133 24.15 -16.77 22.86
CA ALA A 133 24.65 -16.18 24.11
C ALA A 133 23.66 -16.38 25.28
N PHE A 134 22.41 -15.99 25.02
CA PHE A 134 21.34 -16.12 25.97
C PHE A 134 21.19 -17.52 26.50
N SER A 135 21.18 -18.50 25.59
CA SER A 135 21.04 -19.92 25.95
C SER A 135 22.09 -20.32 26.97
N ALA A 136 23.36 -20.13 26.64
CA ALA A 136 24.45 -20.47 27.52
C ALA A 136 24.29 -19.80 28.89
N VAL A 137 24.24 -18.45 28.91
CA VAL A 137 24.07 -17.69 30.15
C VAL A 137 23.08 -18.33 31.12
N ALA A 138 21.94 -18.75 30.58
CA ALA A 138 20.91 -19.42 31.36
C ALA A 138 21.44 -20.73 31.99
N THR A 139 21.88 -21.69 31.16
CA THR A 139 22.38 -23.00 31.64
C THR A 139 23.43 -22.85 32.74
N VAL A 140 24.23 -21.80 32.66
CA VAL A 140 25.24 -21.60 33.66
C VAL A 140 24.64 -20.95 34.89
N GLU A 141 23.80 -19.93 34.73
CA GLU A 141 23.16 -19.29 35.89
C GLU A 141 22.58 -20.42 36.77
N GLY A 142 22.05 -21.43 36.09
CA GLY A 142 21.48 -22.59 36.75
C GLY A 142 22.48 -23.49 37.46
N ILE A 143 23.41 -24.07 36.72
CA ILE A 143 24.41 -24.96 37.31
C ILE A 143 25.08 -24.28 38.50
N ASN A 144 25.13 -22.95 38.48
CA ASN A 144 25.72 -22.17 39.56
C ASN A 144 24.87 -22.32 40.84
N LYS A 145 23.59 -21.95 40.78
CA LYS A 145 22.74 -22.07 41.97
C LYS A 145 22.73 -23.54 42.47
N ILE A 146 22.72 -24.51 41.57
CA ILE A 146 22.77 -25.93 41.97
C ILE A 146 24.00 -26.25 42.88
N ARG A 147 25.07 -25.46 42.76
CA ARG A 147 26.28 -25.63 43.57
C ARG A 147 26.25 -24.62 44.71
N THR A 148 26.43 -23.35 44.37
CA THR A 148 26.45 -22.25 45.33
C THR A 148 25.14 -21.99 46.08
N GLY A 149 24.04 -22.69 45.75
CA GLY A 149 22.78 -22.41 46.43
C GLY A 149 22.40 -20.92 46.36
N LYS A 150 22.94 -20.22 45.37
CA LYS A 150 22.71 -18.79 45.20
C LYS A 150 22.45 -18.62 43.69
N LEU A 151 21.43 -17.85 43.33
CA LEU A 151 21.11 -17.63 41.93
C LEU A 151 21.46 -16.19 41.58
N VAL A 152 22.21 -16.00 40.49
CA VAL A 152 22.53 -14.62 40.14
C VAL A 152 22.46 -14.23 38.65
N GLU A 153 22.20 -12.93 38.42
CA GLU A 153 22.07 -12.38 37.07
C GLU A 153 23.35 -12.00 36.36
N LEU A 154 23.75 -12.91 35.46
CA LEU A 154 24.94 -12.83 34.63
C LEU A 154 24.74 -12.12 33.30
N SER A 155 25.81 -11.56 32.74
CA SER A 155 25.80 -10.80 31.49
C SER A 155 26.03 -11.54 30.17
N GLU A 156 25.03 -11.53 29.28
CA GLU A 156 25.11 -12.15 27.95
C GLU A 156 26.00 -11.24 27.10
N GLN A 157 25.91 -9.94 27.39
CA GLN A 157 26.68 -8.92 26.69
C GLN A 157 28.17 -9.22 26.61
N GLU A 158 28.72 -9.79 27.68
CA GLU A 158 30.14 -10.12 27.66
C GLU A 158 30.38 -11.09 26.53
N LEU A 159 29.61 -12.17 26.52
CA LEU A 159 29.75 -13.17 25.49
C LEU A 159 29.69 -12.63 24.08
N VAL A 160 28.84 -11.66 23.82
CA VAL A 160 28.75 -11.16 22.46
C VAL A 160 29.99 -10.38 22.09
N ASP A 161 30.46 -9.56 23.03
CA ASP A 161 31.64 -8.70 22.84
C ASP A 161 33.00 -9.40 22.86
N CYS A 162 33.14 -10.45 23.66
CA CYS A 162 34.36 -11.25 23.80
C CYS A 162 33.89 -12.55 23.16
N GLU A 163 34.64 -13.64 23.19
CA GLU A 163 34.19 -14.88 22.51
C GLU A 163 33.95 -14.59 21.02
N ARG A 164 35.01 -14.17 20.33
CA ARG A 164 34.94 -13.81 18.91
C ARG A 164 34.99 -14.96 17.94
N ARG A 165 34.83 -16.19 18.42
CA ARG A 165 34.81 -17.36 17.53
C ARG A 165 33.43 -17.39 16.84
N SER A 166 32.41 -16.96 17.58
CA SER A 166 31.07 -16.87 17.05
C SER A 166 30.90 -15.39 16.77
N HIS A 167 30.06 -15.05 15.79
CA HIS A 167 29.92 -13.66 15.35
C HIS A 167 28.81 -12.78 15.84
N GLY A 168 28.87 -12.41 17.11
CA GLY A 168 27.89 -11.50 17.67
C GLY A 168 26.47 -11.65 17.16
N CYS A 169 25.87 -10.53 16.78
CA CYS A 169 24.49 -10.51 16.29
C CYS A 169 24.19 -11.35 15.05
N LYS A 170 25.24 -11.68 14.29
CA LYS A 170 25.14 -12.48 13.06
C LYS A 170 24.97 -13.98 13.34
N GLY A 171 25.07 -14.35 14.62
CA GLY A 171 24.93 -15.75 14.99
C GLY A 171 26.07 -16.26 15.85
N GLY A 172 25.94 -17.50 16.30
CA GLY A 172 26.97 -18.03 17.14
C GLY A 172 26.96 -19.53 17.32
N TYR A 173 27.76 -19.99 18.28
CA TYR A 173 27.87 -21.40 18.60
C TYR A 173 27.95 -21.50 20.11
N PRO A 174 26.95 -22.13 20.73
CA PRO A 174 26.94 -22.28 22.18
C PRO A 174 28.15 -22.94 22.84
N PRO A 175 28.65 -24.11 22.33
CA PRO A 175 29.82 -24.72 22.97
C PRO A 175 30.98 -23.73 23.12
N TYR A 176 31.22 -22.94 22.09
CA TYR A 176 32.28 -21.94 22.16
C TYR A 176 32.04 -20.99 23.33
N ALA A 177 30.78 -20.60 23.51
CA ALA A 177 30.36 -19.70 24.58
C ALA A 177 30.70 -20.36 25.92
N LEU A 178 30.38 -21.65 26.03
CA LEU A 178 30.65 -22.40 27.25
C LEU A 178 32.17 -22.53 27.55
N GLU A 179 32.97 -23.03 26.60
CA GLU A 179 34.41 -23.17 26.80
C GLU A 179 35.01 -21.84 27.23
N TYR A 180 34.35 -20.75 26.83
CA TYR A 180 34.79 -19.41 27.19
C TYR A 180 34.70 -19.18 28.70
N VAL A 181 33.72 -19.82 29.34
CA VAL A 181 33.59 -19.62 30.77
C VAL A 181 34.61 -20.41 31.55
N ALA A 182 34.77 -21.67 31.15
CA ALA A 182 35.73 -22.55 31.80
C ALA A 182 37.10 -21.87 31.90
N LYS A 183 37.44 -21.14 30.83
CA LYS A 183 38.70 -20.40 30.69
C LYS A 183 38.74 -18.97 31.23
N ASN A 184 37.62 -18.26 31.25
CA ASN A 184 37.64 -16.87 31.71
C ASN A 184 36.63 -16.44 32.75
N GLY A 185 35.74 -17.35 33.15
CA GLY A 185 34.70 -16.99 34.10
C GLY A 185 33.66 -16.14 33.38
N ILE A 186 32.95 -15.26 34.10
CA ILE A 186 31.89 -14.41 33.51
C ILE A 186 31.37 -13.38 34.51
N HIS A 187 31.04 -12.17 34.05
CA HIS A 187 30.56 -11.11 34.94
C HIS A 187 29.02 -10.92 35.23
N LEU A 188 28.68 -9.87 35.96
CA LEU A 188 27.31 -9.56 36.34
C LEU A 188 26.52 -8.76 35.31
N ARG A 189 25.30 -9.24 35.02
CA ARG A 189 24.41 -8.58 34.08
C ARG A 189 24.27 -7.10 34.40
N SER A 190 24.16 -6.80 35.69
CA SER A 190 24.01 -5.43 36.19
C SER A 190 25.19 -4.54 35.91
N LYS A 191 26.35 -5.17 35.80
CA LYS A 191 27.63 -4.50 35.53
C LYS A 191 27.95 -4.33 34.04
N TYR A 192 27.76 -5.40 33.28
CA TYR A 192 27.97 -5.43 31.83
C TYR A 192 26.54 -5.71 31.30
N PRO A 193 25.72 -4.66 31.11
CA PRO A 193 24.35 -4.81 30.64
C PRO A 193 24.30 -5.26 29.19
N TYR A 194 23.11 -5.71 28.73
CA TYR A 194 22.89 -6.14 27.35
C TYR A 194 22.54 -4.89 26.51
N LYS A 195 23.14 -4.72 25.32
CA LYS A 195 22.85 -3.54 24.50
C LYS A 195 22.34 -3.77 23.06
N ALA A 196 22.01 -4.98 22.66
CA ALA A 196 21.40 -5.20 21.33
C ALA A 196 22.36 -5.01 20.13
N LYS A 197 23.63 -4.85 20.38
CA LYS A 197 24.66 -4.73 19.33
C LYS A 197 26.00 -4.99 20.00
N GLN A 198 26.92 -5.56 19.22
CA GLN A 198 28.27 -5.90 19.66
C GLN A 198 29.15 -4.65 19.84
N GLY A 199 29.95 -4.64 20.91
CA GLY A 199 30.87 -3.52 21.20
C GLY A 199 32.24 -4.12 21.48
N THR A 200 33.23 -3.30 21.81
CA THR A 200 34.55 -3.86 22.10
C THR A 200 34.51 -4.57 23.42
N CYS A 201 35.22 -5.70 23.52
CA CYS A 201 35.19 -6.49 24.76
C CYS A 201 35.65 -5.79 26.03
N ARG A 202 34.72 -5.10 26.69
CA ARG A 202 34.99 -4.37 27.93
C ARG A 202 35.08 -5.27 29.17
N ALA A 203 35.22 -6.59 28.99
CA ALA A 203 35.30 -7.55 30.12
C ALA A 203 36.22 -7.07 31.23
N LYS A 204 37.32 -6.47 30.81
CA LYS A 204 38.33 -5.96 31.69
C LYS A 204 38.01 -4.74 32.52
N GLN A 205 37.48 -3.68 31.93
CA GLN A 205 37.17 -2.48 32.71
C GLN A 205 35.86 -2.51 33.52
N VAL A 206 35.32 -3.70 33.74
CA VAL A 206 34.05 -3.80 34.44
C VAL A 206 34.14 -4.66 35.71
N GLY A 207 33.64 -4.08 36.81
CA GLY A 207 33.70 -4.74 38.10
C GLY A 207 32.67 -5.78 38.49
N GLY A 208 32.70 -6.15 39.76
CA GLY A 208 31.78 -7.16 40.27
C GLY A 208 32.34 -8.57 40.25
N PRO A 209 31.79 -9.48 41.06
CA PRO A 209 32.31 -10.84 41.07
C PRO A 209 32.14 -11.51 39.72
N ILE A 210 32.82 -12.64 39.55
CA ILE A 210 32.71 -13.40 38.33
C ILE A 210 32.45 -14.86 38.67
N VAL A 211 31.46 -15.45 38.02
CA VAL A 211 31.15 -16.85 38.27
C VAL A 211 32.15 -17.70 37.51
N LYS A 212 32.59 -18.79 38.10
CA LYS A 212 33.56 -19.60 37.42
C LYS A 212 33.09 -20.99 37.12
N THR A 213 33.77 -21.63 36.18
CA THR A 213 33.42 -22.97 35.85
C THR A 213 34.62 -23.75 35.33
N SER A 214 34.43 -25.06 35.29
CA SER A 214 35.46 -25.98 34.84
C SER A 214 34.96 -26.97 33.78
N GLY A 215 35.03 -26.56 32.51
CA GLY A 215 34.63 -27.43 31.42
C GLY A 215 33.25 -27.24 30.84
N VAL A 216 32.86 -28.21 29.99
CA VAL A 216 31.57 -28.29 29.29
C VAL A 216 31.32 -29.77 28.92
N GLY A 217 30.06 -30.20 28.90
CA GLY A 217 29.75 -31.58 28.56
C GLY A 217 28.78 -31.73 27.41
N ARG A 218 29.12 -32.62 26.48
CA ARG A 218 28.31 -32.86 25.29
C ARG A 218 27.40 -34.08 25.49
N VAL A 219 26.09 -33.90 25.32
CA VAL A 219 25.19 -35.03 25.49
C VAL A 219 24.97 -35.77 24.17
N GLN A 220 24.81 -37.09 24.27
CA GLN A 220 24.57 -37.98 23.13
C GLN A 220 23.30 -37.54 22.40
N PRO A 221 23.47 -37.02 21.18
CA PRO A 221 22.40 -36.53 20.32
C PRO A 221 21.45 -37.56 19.74
N ASN A 222 20.30 -37.07 19.29
CA ASN A 222 19.25 -37.85 18.63
C ASN A 222 18.63 -39.01 19.39
N ASN A 223 18.64 -38.85 20.71
CA ASN A 223 18.08 -39.84 21.61
C ASN A 223 17.44 -39.11 22.79
N GLU A 224 16.17 -39.40 23.05
CA GLU A 224 15.47 -38.74 24.15
C GLU A 224 16.04 -39.04 25.54
N GLY A 225 16.21 -40.32 25.85
CA GLY A 225 16.75 -40.71 27.14
C GLY A 225 17.95 -39.90 27.56
N ASN A 226 18.95 -39.85 26.68
CA ASN A 226 20.18 -39.12 26.96
C ASN A 226 19.90 -37.71 27.42
N LEU A 227 19.00 -37.05 26.70
CA LEU A 227 18.63 -35.69 27.04
C LEU A 227 17.91 -35.58 28.37
N LEU A 228 16.77 -36.24 28.50
CA LEU A 228 16.00 -36.20 29.73
C LEU A 228 16.86 -36.35 30.98
N ASN A 229 17.71 -37.37 31.02
CA ASN A 229 18.59 -37.62 32.17
C ASN A 229 19.52 -36.45 32.41
N ALA A 230 19.98 -35.88 31.31
CA ALA A 230 20.87 -34.73 31.37
C ALA A 230 20.12 -33.56 32.00
N ILE A 231 18.96 -33.25 31.42
CA ILE A 231 18.08 -32.18 31.90
C ILE A 231 17.87 -32.38 33.39
N ALA A 232 17.69 -33.64 33.77
CA ALA A 232 17.47 -34.04 35.15
C ALA A 232 18.52 -33.57 36.12
N LYS A 233 19.77 -33.52 35.68
CA LYS A 233 20.82 -33.07 36.59
C LYS A 233 20.93 -31.54 36.67
N GLN A 234 20.55 -30.87 35.59
CA GLN A 234 20.62 -29.41 35.50
C GLN A 234 20.11 -28.95 34.14
N PRO A 235 19.97 -27.62 33.97
CA PRO A 235 19.48 -27.09 32.68
C PRO A 235 20.50 -27.14 31.51
N VAL A 236 20.04 -27.71 30.41
CA VAL A 236 20.79 -27.93 29.18
C VAL A 236 20.50 -26.91 28.06
N SER A 237 21.53 -26.57 27.28
CA SER A 237 21.33 -25.68 26.15
C SER A 237 21.02 -26.62 24.98
N VAL A 238 19.99 -26.29 24.22
CA VAL A 238 19.65 -27.13 23.08
C VAL A 238 19.13 -26.33 21.88
N VAL A 239 19.09 -26.99 20.72
CA VAL A 239 18.72 -26.33 19.47
C VAL A 239 17.38 -26.72 18.86
N VAL A 240 16.85 -25.86 17.98
CA VAL A 240 15.55 -26.11 17.35
C VAL A 240 15.29 -25.24 16.08
N GLU A 241 14.31 -25.65 15.26
CA GLU A 241 13.95 -24.88 14.04
C GLU A 241 12.82 -23.91 14.32
N SER A 242 13.19 -22.72 14.77
CA SER A 242 12.17 -21.70 15.07
C SER A 242 11.60 -20.81 13.95
N LYS A 243 12.01 -21.00 12.69
CA LYS A 243 11.52 -20.18 11.58
C LYS A 243 10.06 -20.40 11.19
N GLY A 244 9.49 -21.54 11.62
CA GLY A 244 8.11 -21.86 11.28
C GLY A 244 7.08 -20.76 11.55
N ARG A 245 6.00 -20.74 10.76
CA ARG A 245 4.93 -19.76 10.96
C ARG A 245 4.16 -20.14 12.24
N PRO A 246 3.91 -21.45 12.44
CA PRO A 246 3.20 -21.87 13.64
C PRO A 246 4.00 -21.31 14.83
N PHE A 247 5.30 -21.62 14.84
CA PHE A 247 6.22 -21.19 15.87
C PHE A 247 6.15 -19.67 16.13
N GLN A 248 6.07 -18.90 15.06
CA GLN A 248 5.98 -17.46 15.17
C GLN A 248 4.79 -17.05 16.02
N LEU A 249 3.66 -17.65 15.71
CA LEU A 249 2.43 -17.31 16.39
C LEU A 249 2.01 -18.25 17.50
N TYR A 250 2.94 -18.99 18.10
CA TYR A 250 2.60 -19.90 19.19
C TYR A 250 2.05 -19.16 20.44
N LYS A 251 1.03 -19.71 21.08
CA LYS A 251 0.50 -19.09 22.29
C LYS A 251 0.63 -20.03 23.50
N GLY A 252 0.25 -21.30 23.33
CA GLY A 252 0.34 -22.26 24.41
C GLY A 252 0.12 -23.70 23.94
N GLY A 253 0.35 -24.65 24.85
CA GLY A 253 0.15 -26.06 24.57
C GLY A 253 1.38 -26.88 24.31
N ILE A 254 1.15 -28.11 23.83
CA ILE A 254 2.23 -29.02 23.48
C ILE A 254 2.39 -28.83 21.99
N PHE A 255 3.42 -28.08 21.59
CA PHE A 255 3.66 -27.84 20.17
C PHE A 255 4.14 -29.14 19.51
N GLU A 256 3.43 -29.59 18.48
CA GLU A 256 3.80 -30.81 17.77
C GLU A 256 3.92 -30.57 16.25
N GLY A 257 4.55 -29.45 15.88
CA GLY A 257 4.69 -29.11 14.47
C GLY A 257 3.48 -28.38 13.92
N PRO A 258 3.42 -28.12 12.62
CA PRO A 258 4.48 -28.51 11.69
C PRO A 258 5.76 -27.64 11.81
N CYS A 259 6.91 -28.32 11.62
CA CYS A 259 8.24 -27.69 11.68
C CYS A 259 9.26 -28.73 11.17
N GLY A 260 10.28 -28.24 10.46
CA GLY A 260 11.31 -29.11 9.93
C GLY A 260 12.46 -29.25 10.91
N THR A 261 13.54 -29.94 10.49
CA THR A 261 14.70 -30.12 11.36
C THR A 261 15.91 -29.23 11.07
N LYS A 262 15.71 -28.21 10.23
CA LYS A 262 16.77 -27.26 9.85
C LYS A 262 16.83 -26.20 10.96
N VAL A 263 17.54 -26.56 12.03
CA VAL A 263 17.71 -25.71 13.22
C VAL A 263 18.40 -24.36 13.01
N ASP A 264 17.82 -23.33 13.63
CA ASP A 264 18.33 -21.95 13.51
C ASP A 264 18.44 -21.17 14.83
N GLY A 265 18.19 -21.83 15.96
CA GLY A 265 18.24 -21.15 17.26
C GLY A 265 18.60 -21.98 18.50
N ALA A 266 19.11 -21.26 19.51
CA ALA A 266 19.54 -21.82 20.80
C ALA A 266 18.60 -21.41 21.92
N VAL A 267 18.11 -22.40 22.65
CA VAL A 267 17.18 -22.16 23.73
C VAL A 267 17.61 -22.94 24.97
N THR A 268 16.92 -22.73 26.09
CA THR A 268 17.27 -23.46 27.31
C THR A 268 16.16 -24.38 27.86
N ALA A 269 16.38 -25.70 27.80
CA ALA A 269 15.41 -26.66 28.33
C ALA A 269 15.60 -26.64 29.85
N VAL A 270 14.57 -26.27 30.59
CA VAL A 270 14.67 -26.22 32.04
C VAL A 270 13.81 -27.25 32.71
N GLY A 271 13.25 -28.17 31.93
CA GLY A 271 12.44 -29.23 32.51
C GLY A 271 11.77 -30.09 31.46
N TYR A 272 11.05 -31.09 31.95
CA TYR A 272 10.28 -31.99 31.11
C TYR A 272 9.18 -32.46 32.03
N GLY A 273 8.18 -33.08 31.43
CA GLY A 273 7.06 -33.57 32.19
C GLY A 273 6.17 -34.30 31.25
N LYS A 274 4.95 -34.53 31.69
CA LYS A 274 3.96 -35.24 30.92
C LYS A 274 2.61 -34.70 31.39
N SER A 275 1.69 -34.55 30.44
CA SER A 275 0.34 -34.08 30.75
C SER A 275 -0.59 -35.17 30.29
N GLY A 276 -0.65 -36.22 31.08
CA GLY A 276 -1.48 -37.37 30.80
C GLY A 276 -1.47 -37.85 29.36
N GLY A 277 -0.52 -38.70 29.01
CA GLY A 277 -0.46 -39.22 27.66
C GLY A 277 0.66 -38.60 26.84
N LYS A 278 0.60 -37.29 26.66
CA LYS A 278 1.63 -36.61 25.91
C LYS A 278 2.77 -36.14 26.82
N GLY A 279 3.99 -36.46 26.40
CA GLY A 279 5.18 -36.08 27.15
C GLY A 279 5.80 -34.88 26.48
N TYR A 280 6.56 -34.08 27.22
CA TYR A 280 7.15 -32.88 26.65
C TYR A 280 8.42 -32.41 27.37
N ILE A 281 9.12 -31.46 26.74
CA ILE A 281 10.31 -30.82 27.31
C ILE A 281 9.90 -29.37 27.42
N LEU A 282 10.27 -28.73 28.52
CA LEU A 282 9.91 -27.33 28.78
C LEU A 282 11.10 -26.42 28.54
N ILE A 283 10.89 -25.44 27.67
CA ILE A 283 11.93 -24.50 27.24
C ILE A 283 11.69 -23.06 27.56
N LYS A 284 12.77 -22.38 27.92
CA LYS A 284 12.76 -20.95 28.20
C LYS A 284 13.35 -20.35 26.93
N ASN A 285 12.64 -19.39 26.33
CA ASN A 285 13.03 -18.71 25.09
C ASN A 285 13.43 -17.24 25.37
N SER A 286 14.01 -16.59 24.37
CA SER A 286 14.51 -15.23 24.48
C SER A 286 13.65 -14.22 23.77
N TRP A 287 12.33 -14.43 23.73
CA TRP A 287 11.47 -13.47 23.04
C TRP A 287 10.55 -12.64 23.93
N GLY A 288 10.90 -12.53 25.20
CA GLY A 288 10.09 -11.75 26.12
C GLY A 288 8.95 -12.59 26.66
N THR A 289 8.08 -11.95 27.41
CA THR A 289 6.96 -12.64 28.00
C THR A 289 5.66 -12.57 27.22
N ALA A 290 5.63 -11.78 26.16
CA ALA A 290 4.43 -11.65 25.33
C ALA A 290 4.31 -12.74 24.27
N TRP A 291 5.29 -13.63 24.19
CA TRP A 291 5.30 -14.77 23.25
C TRP A 291 5.08 -16.07 24.04
N GLY A 292 4.34 -17.03 23.48
CA GLY A 292 4.10 -18.30 24.16
C GLY A 292 3.52 -18.19 25.56
N GLU A 293 3.87 -19.16 26.40
CA GLU A 293 3.38 -19.23 27.77
C GLU A 293 4.30 -18.43 28.68
N LYS A 294 4.06 -17.12 28.70
CA LYS A 294 4.84 -16.19 29.48
C LYS A 294 6.36 -16.29 29.20
N GLY A 295 6.70 -16.41 27.92
CA GLY A 295 8.08 -16.53 27.46
C GLY A 295 8.51 -17.95 27.19
N TYR A 296 7.79 -18.94 27.70
CA TYR A 296 8.15 -20.35 27.54
C TYR A 296 7.32 -21.13 26.49
N ILE A 297 7.79 -22.32 26.13
CA ILE A 297 7.11 -23.21 25.21
C ILE A 297 7.34 -24.68 25.60
N ARG A 298 6.32 -25.53 25.45
CA ARG A 298 6.49 -26.94 25.80
C ARG A 298 6.42 -27.70 24.50
N ILE A 299 7.50 -28.40 24.14
CA ILE A 299 7.54 -29.15 22.87
C ILE A 299 7.39 -30.65 23.06
N LYS A 300 6.69 -31.28 22.15
CA LYS A 300 6.45 -32.72 22.22
C LYS A 300 7.73 -33.52 22.22
N ARG A 301 7.67 -34.63 22.92
CA ARG A 301 8.80 -35.52 23.01
C ARG A 301 8.70 -36.65 22.01
N ALA A 302 9.73 -36.76 21.18
CA ALA A 302 9.85 -37.89 20.28
C ALA A 302 10.62 -38.93 21.05
N PRO A 303 10.09 -40.12 21.07
CA PRO A 303 10.61 -41.22 21.86
C PRO A 303 11.92 -41.79 21.43
N GLY A 304 12.74 -42.10 22.39
CA GLY A 304 13.97 -42.75 22.08
C GLY A 304 14.75 -42.20 20.89
N ASN A 305 14.55 -42.75 19.67
CA ASN A 305 15.47 -42.42 18.56
C ASN A 305 14.98 -41.68 17.34
N SER A 306 15.39 -40.42 17.28
CA SER A 306 15.04 -39.51 16.19
C SER A 306 15.75 -38.19 16.53
N PRO A 307 15.70 -37.22 15.61
CA PRO A 307 16.36 -35.94 15.87
C PRO A 307 15.59 -35.06 16.82
N GLY A 308 14.36 -35.48 17.10
CA GLY A 308 13.47 -34.74 17.96
C GLY A 308 12.54 -33.95 17.07
N VAL A 309 11.50 -33.42 17.68
CA VAL A 309 10.51 -32.60 16.97
C VAL A 309 11.27 -31.28 16.69
N CYS A 310 11.18 -30.77 15.47
CA CYS A 310 11.91 -29.53 15.10
C CYS A 310 13.40 -29.65 15.39
N GLY A 311 13.92 -30.88 15.23
CA GLY A 311 15.33 -31.19 15.45
C GLY A 311 15.82 -30.83 16.83
N LEU A 312 14.95 -31.05 17.81
CA LEU A 312 15.25 -30.70 19.17
C LEU A 312 16.43 -31.46 19.80
N TYR A 313 16.51 -32.75 19.50
CA TYR A 313 17.55 -33.60 20.05
C TYR A 313 18.91 -33.42 19.39
N LYS A 314 18.91 -32.79 18.22
CA LYS A 314 20.14 -32.55 17.45
C LYS A 314 21.43 -32.03 18.09
N SER A 315 21.37 -31.10 19.05
CA SER A 315 22.63 -30.62 19.63
C SER A 315 22.47 -29.98 21.03
N SER A 316 22.82 -30.74 22.07
CA SER A 316 22.68 -30.29 23.44
C SER A 316 24.01 -30.33 24.22
N TYR A 317 24.27 -29.28 25.00
CA TYR A 317 25.50 -29.13 25.79
C TYR A 317 25.16 -28.53 27.16
N TYR A 318 26.02 -28.73 28.15
CA TYR A 318 25.79 -28.20 29.50
C TYR A 318 27.11 -27.82 30.16
N PRO A 319 27.10 -26.74 30.96
CA PRO A 319 28.37 -26.40 31.58
C PRO A 319 28.56 -27.40 32.74
N THR A 320 29.81 -27.70 33.13
CA THR A 320 30.09 -28.59 34.27
C THR A 320 30.88 -27.76 35.28
N LYS A 321 30.39 -27.65 36.52
CA LYS A 321 31.10 -26.87 37.53
C LYS A 321 31.61 -27.74 38.65
N ASN A 322 32.79 -27.34 39.14
CA ASN A 322 33.55 -27.96 40.23
C ASN A 322 32.72 -28.16 41.49
N LEU B 12 -13.91 -8.39 -27.83
CA LEU B 12 -14.04 -7.29 -28.84
C LEU B 12 -14.81 -6.04 -28.30
N THR B 13 -15.49 -6.21 -27.16
CA THR B 13 -16.22 -5.11 -26.51
C THR B 13 -15.13 -4.27 -25.87
N SER B 14 -14.05 -4.99 -25.50
CA SER B 14 -12.83 -4.49 -24.89
C SER B 14 -12.48 -3.14 -25.50
N THR B 15 -12.68 -3.02 -26.80
CA THR B 15 -12.36 -1.77 -27.44
C THR B 15 -13.02 -0.54 -26.83
N GLU B 16 -14.34 -0.57 -26.55
CA GLU B 16 -14.94 0.62 -25.94
C GLU B 16 -14.35 0.83 -24.56
N ARG B 17 -14.05 -0.28 -23.90
CA ARG B 17 -13.45 -0.29 -22.56
C ARG B 17 -12.14 0.50 -22.57
N LEU B 18 -11.25 0.11 -23.48
CA LEU B 18 -9.95 0.74 -23.68
C LEU B 18 -10.07 2.19 -24.04
N ILE B 19 -10.93 2.48 -24.99
CA ILE B 19 -11.07 3.88 -25.38
C ILE B 19 -11.48 4.69 -24.16
N GLN B 20 -12.55 4.27 -23.48
CA GLN B 20 -13.10 4.93 -22.28
C GLN B 20 -11.98 5.14 -21.26
N LEU B 21 -11.21 4.07 -21.07
CA LEU B 21 -10.07 4.07 -20.17
C LEU B 21 -8.96 5.07 -20.61
N PHE B 22 -8.45 4.97 -21.85
CA PHE B 22 -7.43 5.90 -22.34
C PHE B 22 -7.92 7.33 -22.02
N ASN B 23 -9.22 7.56 -22.24
CA ASN B 23 -9.82 8.85 -22.00
C ASN B 23 -9.64 9.46 -20.62
N SER B 24 -9.78 8.66 -19.55
CA SER B 24 -9.63 9.15 -18.17
C SER B 24 -8.18 9.43 -17.92
N TRP B 25 -7.34 8.47 -18.32
CA TRP B 25 -5.89 8.60 -18.18
C TRP B 25 -5.49 9.95 -18.78
N MET B 26 -6.11 10.28 -19.89
CA MET B 26 -5.83 11.54 -20.55
C MET B 26 -6.10 12.79 -19.67
N LEU B 27 -7.34 13.02 -19.23
CA LEU B 27 -7.58 14.21 -18.44
C LEU B 27 -6.97 14.13 -17.04
N ASN B 28 -6.76 12.91 -16.56
CA ASN B 28 -6.13 12.73 -15.25
C ASN B 28 -4.65 13.12 -15.28
N HIS B 29 -4.12 13.32 -16.49
CA HIS B 29 -2.74 13.74 -16.67
C HIS B 29 -2.70 14.96 -17.58
N ASN B 30 -3.75 15.78 -17.56
CA ASN B 30 -3.85 16.99 -18.40
C ASN B 30 -3.19 16.93 -19.79
N LYS B 31 -3.65 15.95 -20.59
CA LYS B 31 -3.17 15.69 -21.95
C LYS B 31 -4.18 16.15 -23.01
N PHE B 32 -3.73 16.98 -23.95
CA PHE B 32 -4.55 17.50 -25.05
C PHE B 32 -3.72 17.19 -26.29
N TYR B 33 -4.38 16.99 -27.43
CA TYR B 33 -3.73 16.73 -28.73
C TYR B 33 -4.42 17.66 -29.75
N GLU B 34 -3.70 18.33 -30.64
CA GLU B 34 -4.41 19.26 -31.53
C GLU B 34 -5.29 18.67 -32.63
N ASN B 35 -4.78 17.62 -33.28
CA ASN B 35 -5.49 16.93 -34.37
C ASN B 35 -5.95 15.53 -33.95
N VAL B 36 -6.99 15.03 -34.58
CA VAL B 36 -7.53 13.69 -34.27
C VAL B 36 -6.58 12.50 -34.46
N ASP B 37 -5.81 12.53 -35.54
CA ASP B 37 -4.87 11.44 -35.82
C ASP B 37 -3.79 11.24 -34.79
N GLU B 38 -3.39 12.28 -34.07
CA GLU B 38 -2.36 12.05 -33.07
C GLU B 38 -2.97 11.18 -32.00
N LYS B 39 -4.18 11.52 -31.58
CA LYS B 39 -4.85 10.74 -30.53
C LYS B 39 -4.89 9.30 -30.92
N LEU B 40 -5.25 9.07 -32.18
CA LEU B 40 -5.31 7.71 -32.76
C LEU B 40 -3.97 6.98 -32.61
N TYR B 41 -2.90 7.70 -32.91
CA TYR B 41 -1.54 7.19 -32.81
C TYR B 41 -1.22 6.88 -31.34
N ARG B 42 -1.46 7.88 -30.49
CA ARG B 42 -1.21 7.79 -29.07
C ARG B 42 -1.93 6.62 -28.46
N PHE B 43 -3.20 6.51 -28.83
CA PHE B 43 -4.01 5.42 -28.34
C PHE B 43 -3.31 4.07 -28.64
N GLU B 44 -2.78 3.93 -29.86
CA GLU B 44 -2.08 2.72 -30.28
C GLU B 44 -0.83 2.36 -29.47
N ILE B 45 -0.10 3.41 -29.06
CA ILE B 45 1.12 3.31 -28.27
C ILE B 45 0.70 2.77 -26.93
N PHE B 46 -0.24 3.52 -26.35
CA PHE B 46 -0.85 3.26 -25.05
C PHE B 46 -1.19 1.79 -24.91
N LYS B 47 -1.97 1.32 -25.86
CA LYS B 47 -2.39 -0.10 -25.93
C LYS B 47 -1.17 -1.03 -25.83
N ASP B 48 -0.18 -0.77 -26.66
CA ASP B 48 1.01 -1.58 -26.65
C ASP B 48 1.63 -1.58 -25.26
N ASN B 49 1.81 -0.38 -24.70
CA ASN B 49 2.41 -0.24 -23.38
C ASN B 49 1.67 -1.11 -22.38
N LEU B 50 0.36 -0.92 -22.35
CA LEU B 50 -0.49 -1.70 -21.47
C LEU B 50 -0.20 -3.22 -21.52
N ASN B 51 -0.01 -3.74 -22.72
CA ASN B 51 0.30 -5.13 -22.87
C ASN B 51 1.58 -5.52 -22.20
N TYR B 52 2.61 -4.67 -22.37
CA TYR B 52 3.93 -4.90 -21.78
C TYR B 52 3.73 -4.93 -20.29
N ILE B 53 2.90 -4.00 -19.81
CA ILE B 53 2.58 -3.89 -18.40
C ILE B 53 1.92 -5.15 -17.80
N ASP B 54 1.11 -5.86 -18.58
CA ASP B 54 0.49 -7.08 -18.06
C ASP B 54 1.43 -8.26 -18.10
N GLU B 55 1.98 -8.55 -19.27
CA GLU B 55 2.91 -9.68 -19.46
C GLU B 55 3.96 -9.64 -18.35
N THR B 56 4.25 -8.43 -17.94
CA THR B 56 5.25 -8.17 -16.95
C THR B 56 4.77 -8.21 -15.49
N ASN B 57 3.54 -7.81 -15.21
CA ASN B 57 3.06 -7.85 -13.84
C ASN B 57 2.73 -9.27 -13.43
N LYS B 58 2.30 -10.04 -14.41
CA LYS B 58 1.99 -11.45 -14.21
C LYS B 58 3.26 -12.21 -13.83
N LYS B 59 4.42 -11.65 -14.17
CA LYS B 59 5.71 -12.29 -13.87
C LYS B 59 5.92 -12.60 -12.39
N ASN B 60 5.13 -11.96 -11.52
CA ASN B 60 5.23 -12.20 -10.08
C ASN B 60 6.61 -11.82 -9.50
N ASN B 61 6.95 -10.55 -9.61
CA ASN B 61 8.18 -10.06 -9.03
C ASN B 61 7.78 -9.20 -7.83
N SER B 62 8.71 -8.38 -7.34
CA SER B 62 8.50 -7.55 -6.15
C SER B 62 8.10 -6.09 -6.33
N TYR B 63 7.70 -5.72 -7.54
CA TYR B 63 7.27 -4.35 -7.86
C TYR B 63 6.24 -4.44 -8.98
N TRP B 64 5.65 -3.33 -9.37
CA TRP B 64 4.66 -3.35 -10.42
C TRP B 64 4.73 -2.12 -11.36
N LEU B 65 4.52 -2.37 -12.65
CA LEU B 65 4.52 -1.33 -13.67
C LEU B 65 3.10 -0.80 -13.82
N GLY B 66 2.94 0.40 -14.36
CA GLY B 66 1.59 0.94 -14.51
C GLY B 66 1.42 2.09 -15.48
N LEU B 67 0.18 2.51 -15.67
CA LEU B 67 -0.14 3.62 -16.55
C LEU B 67 0.22 5.01 -15.98
N ASN B 68 1.51 5.22 -15.75
CA ASN B 68 2.03 6.49 -15.22
C ASN B 68 2.07 7.63 -16.27
N GLU B 69 2.78 8.70 -15.92
CA GLU B 69 2.92 9.91 -16.74
C GLU B 69 3.39 9.69 -18.18
N PHE B 70 4.11 8.60 -18.40
CA PHE B 70 4.66 8.26 -19.71
C PHE B 70 4.00 7.12 -20.47
N ALA B 71 2.80 6.71 -20.05
CA ALA B 71 2.07 5.62 -20.70
C ALA B 71 1.81 5.97 -22.17
N ASP B 72 1.67 7.27 -22.38
CA ASP B 72 1.44 7.98 -23.63
C ASP B 72 2.48 7.73 -24.73
N LEU B 73 3.74 7.71 -24.31
CA LEU B 73 4.91 7.63 -25.19
C LEU B 73 5.54 6.28 -25.37
N SER B 74 6.32 6.17 -26.45
CA SER B 74 7.08 4.97 -26.83
C SER B 74 8.38 5.02 -26.07
N ASN B 75 9.08 3.89 -25.97
CA ASN B 75 10.36 3.90 -25.25
C ASN B 75 11.43 4.82 -25.86
N ASP B 76 11.68 4.71 -27.17
CA ASP B 76 12.70 5.54 -27.82
C ASP B 76 12.40 7.03 -27.64
N GLU B 77 11.12 7.35 -27.74
CA GLU B 77 10.63 8.74 -27.59
C GLU B 77 10.89 9.26 -26.18
N PHE B 78 10.73 8.38 -25.22
CA PHE B 78 10.93 8.65 -23.82
C PHE B 78 12.43 8.99 -23.56
N ASN B 79 13.34 8.19 -24.09
CA ASN B 79 14.77 8.48 -23.89
C ASN B 79 15.20 9.78 -24.54
N GLU B 80 14.50 10.13 -25.61
CA GLU B 80 14.80 11.33 -26.36
C GLU B 80 14.71 12.59 -25.55
N LYS B 81 13.57 12.75 -24.89
CA LYS B 81 13.32 13.95 -24.10
C LYS B 81 13.56 13.90 -22.60
N TYR B 82 13.59 12.70 -22.03
CA TYR B 82 13.75 12.62 -20.61
C TYR B 82 14.89 11.89 -20.00
N VAL B 83 15.67 11.06 -20.71
CA VAL B 83 16.78 10.40 -20.01
C VAL B 83 17.73 11.41 -19.33
N GLY B 84 18.03 12.50 -20.04
CA GLY B 84 18.90 13.54 -19.49
C GLY B 84 20.24 13.01 -19.02
N SER B 85 21.11 12.70 -19.99
CA SER B 85 22.41 12.10 -19.78
C SER B 85 23.51 12.67 -18.87
N LEU B 86 24.52 11.83 -18.72
CA LEU B 86 25.71 12.08 -17.92
C LEU B 86 26.89 12.10 -18.90
N ILE B 87 27.98 12.78 -18.54
CA ILE B 87 29.20 12.83 -19.34
C ILE B 87 30.24 12.12 -18.44
N ASP B 88 31.49 11.91 -18.85
CA ASP B 88 32.42 11.26 -17.91
C ASP B 88 33.87 11.67 -17.95
N ALA B 89 34.50 11.72 -16.78
CA ALA B 89 35.93 12.05 -16.70
C ALA B 89 36.64 10.81 -16.14
N THR B 90 37.96 10.76 -16.28
CA THR B 90 38.75 9.60 -15.81
C THR B 90 39.72 9.98 -14.69
N ILE B 91 40.39 8.98 -14.11
CA ILE B 91 41.34 9.15 -12.99
C ILE B 91 40.93 10.38 -12.18
N GLU B 92 39.72 10.27 -11.60
CA GLU B 92 39.07 11.31 -10.79
C GLU B 92 39.99 12.23 -10.04
N GLN B 93 39.53 13.47 -9.86
CA GLN B 93 40.31 14.48 -9.16
C GLN B 93 40.71 14.22 -7.69
N SER B 94 40.52 13.00 -7.16
CA SER B 94 40.86 12.67 -5.76
C SER B 94 40.29 13.77 -4.86
N TYR B 95 39.01 13.63 -4.54
CA TYR B 95 38.26 14.63 -3.79
C TYR B 95 38.61 14.99 -2.35
N ASP B 96 38.19 16.19 -1.94
CA ASP B 96 38.44 16.74 -0.59
C ASP B 96 38.59 15.71 0.53
N GLU B 97 37.50 15.01 0.85
CA GLU B 97 37.52 13.98 1.89
C GLU B 97 37.08 12.64 1.29
N GLU B 98 38.06 11.78 1.05
CA GLU B 98 37.81 10.44 0.52
C GLU B 98 37.08 9.78 1.67
N PHE B 99 35.83 9.39 1.43
CA PHE B 99 34.99 8.78 2.46
C PHE B 99 35.82 7.83 3.29
N ILE B 100 36.12 8.23 4.54
CA ILE B 100 36.90 7.45 5.48
C ILE B 100 36.18 6.09 5.61
N ASN B 101 36.43 5.24 4.60
CA ASN B 101 35.89 3.90 4.38
C ASN B 101 35.10 3.13 5.44
N GLU B 102 33.80 2.94 5.16
CA GLU B 102 32.88 2.20 6.02
C GLU B 102 32.60 0.79 5.52
N ASP B 103 31.86 0.01 6.31
CA ASP B 103 31.55 -1.39 5.96
C ASP B 103 30.56 -2.04 6.91
N ILE B 104 31.02 -2.29 8.14
CA ILE B 104 30.24 -2.94 9.18
C ILE B 104 28.84 -2.32 9.45
N VAL B 105 27.80 -3.17 9.33
CA VAL B 105 26.41 -2.78 9.54
C VAL B 105 26.18 -2.57 11.05
N ASN B 106 24.97 -2.88 11.53
CA ASN B 106 24.61 -2.74 12.94
C ASN B 106 24.74 -1.26 13.29
N LEU B 107 24.12 -0.55 12.36
CA LEU B 107 23.92 0.88 12.29
C LEU B 107 22.38 0.83 12.14
N PRO B 108 21.71 1.98 11.97
CA PRO B 108 20.25 1.98 11.83
C PRO B 108 19.59 0.97 10.92
N GLU B 109 18.29 0.83 11.09
CA GLU B 109 17.50 -0.09 10.29
C GLU B 109 16.89 0.63 9.10
N ASN B 110 16.27 1.77 9.39
CA ASN B 110 15.58 2.59 8.41
C ASN B 110 15.90 4.05 8.60
N VAL B 111 16.16 4.71 7.48
CA VAL B 111 16.50 6.12 7.48
C VAL B 111 15.61 6.75 6.44
N ASP B 112 15.19 7.98 6.70
CA ASP B 112 14.30 8.68 5.78
C ASP B 112 14.37 10.18 6.09
N TRP B 113 15.29 10.86 5.39
CA TRP B 113 15.52 12.29 5.57
C TRP B 113 14.34 13.21 5.33
N ARG B 114 13.18 12.64 5.09
CA ARG B 114 11.99 13.45 4.88
C ARG B 114 11.26 13.67 6.21
N LYS B 115 11.45 12.70 7.12
CA LYS B 115 10.87 12.75 8.45
C LYS B 115 11.46 13.98 9.14
N LYS B 116 12.80 14.04 9.22
CA LYS B 116 13.49 15.22 9.76
C LYS B 116 13.42 16.52 8.90
N GLY B 117 12.32 16.78 8.19
CA GLY B 117 12.22 18.02 7.38
C GLY B 117 13.51 18.43 6.67
N ALA B 118 14.09 17.50 5.88
CA ALA B 118 15.35 17.77 5.18
C ALA B 118 15.28 17.48 3.68
N VAL B 119 14.08 17.33 3.14
CA VAL B 119 13.92 17.08 1.71
C VAL B 119 12.83 17.99 1.20
N THR B 120 13.06 18.62 0.07
CA THR B 120 12.06 19.52 -0.48
C THR B 120 11.02 18.74 -1.32
N PRO B 121 9.94 19.40 -1.78
CA PRO B 121 8.96 18.67 -2.59
C PRO B 121 9.68 18.15 -3.86
N VAL B 122 9.11 17.17 -4.57
CA VAL B 122 9.77 16.66 -5.78
C VAL B 122 9.53 17.60 -6.98
N ARG B 123 10.46 17.62 -7.95
CA ARG B 123 10.34 18.51 -9.11
C ARG B 123 10.35 17.80 -10.47
N HIS B 124 10.10 18.58 -11.53
CA HIS B 124 10.08 18.03 -12.88
C HIS B 124 11.07 18.71 -13.80
N GLN B 125 12.11 17.97 -14.21
CA GLN B 125 13.19 18.46 -15.11
C GLN B 125 12.85 18.76 -16.56
N GLY B 126 11.58 18.59 -16.97
CA GLY B 126 11.14 18.88 -18.34
C GLY B 126 11.90 18.17 -19.43
N SER B 127 11.93 18.75 -20.63
CA SER B 127 12.65 18.19 -21.79
C SER B 127 14.09 18.71 -21.80
N CYS B 128 14.75 18.56 -20.64
CA CYS B 128 16.13 19.00 -20.40
C CYS B 128 16.96 17.95 -19.64
N GLY B 129 18.14 17.63 -20.16
CA GLY B 129 18.99 16.63 -19.54
C GLY B 129 19.81 17.12 -18.38
N SER B 130 19.11 17.77 -17.46
CA SER B 130 19.67 18.34 -16.24
C SER B 130 19.57 17.51 -14.98
N CYS B 131 19.46 16.20 -15.05
CA CYS B 131 19.34 15.47 -13.80
C CYS B 131 20.55 15.72 -12.90
N TRP B 132 21.74 15.88 -13.48
CA TRP B 132 22.93 16.15 -12.68
C TRP B 132 22.75 17.38 -11.74
N ALA B 133 22.21 18.48 -12.27
CA ALA B 133 21.98 19.69 -11.48
C ALA B 133 20.99 19.44 -10.32
N PHE B 134 19.84 18.86 -10.67
CA PHE B 134 18.82 18.53 -9.72
C PHE B 134 19.32 17.68 -8.57
N SER B 135 20.07 16.63 -8.91
CA SER B 135 20.64 15.71 -7.93
C SER B 135 21.44 16.47 -6.88
N ALA B 136 22.44 17.21 -7.32
CA ALA B 136 23.27 17.99 -6.43
C ALA B 136 22.44 18.92 -5.54
N VAL B 137 21.66 19.83 -6.17
CA VAL B 137 20.80 20.77 -5.43
C VAL B 137 20.12 20.12 -4.23
N ALA B 138 19.56 18.93 -4.44
CA ALA B 138 18.91 18.17 -3.40
C ALA B 138 19.88 17.84 -2.25
N THR B 139 20.95 17.10 -2.53
CA THR B 139 21.94 16.69 -1.51
C THR B 139 22.43 17.86 -0.67
N VAL B 140 22.53 19.03 -1.29
CA VAL B 140 22.97 20.19 -0.54
C VAL B 140 21.84 20.78 0.27
N GLU B 141 20.65 20.91 -0.33
CA GLU B 141 19.50 21.46 0.42
C GLU B 141 19.42 20.69 1.75
N GLY B 142 19.72 19.40 1.66
CA GLY B 142 19.71 18.52 2.82
C GLY B 142 20.82 18.79 3.83
N ILE B 143 22.08 18.62 3.41
CA ILE B 143 23.20 18.84 4.30
C ILE B 143 23.08 20.20 4.99
N ASN B 144 22.40 21.14 4.34
CA ASN B 144 22.18 22.47 4.89
C ASN B 144 21.27 22.39 6.12
N LYS B 145 20.05 21.86 5.96
CA LYS B 145 19.15 21.75 7.10
C LYS B 145 19.79 20.94 8.24
N ILE B 146 20.55 19.89 7.91
CA ILE B 146 21.24 19.10 8.94
C ILE B 146 22.18 19.98 9.83
N ARG B 147 22.64 21.12 9.30
CA ARG B 147 23.51 22.05 10.03
C ARG B 147 22.64 23.19 10.56
N THR B 148 22.19 24.05 9.64
CA THR B 148 21.37 25.20 9.96
C THR B 148 19.99 24.90 10.55
N GLY B 149 19.56 23.64 10.65
CA GLY B 149 18.23 23.35 11.16
C GLY B 149 17.14 24.14 10.42
N LYS B 150 17.44 24.55 9.19
CA LYS B 150 16.52 25.32 8.36
C LYS B 150 16.61 24.67 6.97
N LEU B 151 15.46 24.45 6.34
CA LEU B 151 15.43 23.84 5.02
C LEU B 151 15.02 24.91 4.01
N VAL B 152 15.79 25.05 2.93
CA VAL B 152 15.39 26.04 1.95
C VAL B 152 15.50 25.67 0.45
N GLU B 153 14.64 26.31 -0.35
CA GLU B 153 14.58 26.08 -1.78
C GLU B 153 15.59 26.81 -2.66
N LEU B 154 16.62 26.04 -3.03
CA LEU B 154 17.75 26.47 -3.86
C LEU B 154 17.53 26.31 -5.36
N SER B 155 18.24 27.10 -6.15
CA SER B 155 18.12 27.11 -7.62
C SER B 155 19.04 26.20 -8.43
N GLU B 156 18.46 25.24 -9.17
CA GLU B 156 19.20 24.32 -10.05
C GLU B 156 19.63 25.14 -11.27
N GLN B 157 18.78 26.10 -11.63
CA GLN B 157 19.02 26.98 -12.78
C GLN B 157 20.39 27.64 -12.76
N GLU B 158 20.89 27.99 -11.58
CA GLU B 158 22.20 28.60 -11.50
C GLU B 158 23.20 27.61 -12.05
N LEU B 159 23.17 26.41 -11.51
CA LEU B 159 24.09 25.37 -11.94
C LEU B 159 24.10 25.13 -13.44
N VAL B 160 22.95 25.19 -14.08
CA VAL B 160 22.96 24.93 -15.52
C VAL B 160 23.62 26.07 -16.28
N ASP B 161 23.32 27.29 -15.86
CA ASP B 161 23.85 28.52 -16.49
C ASP B 161 25.31 28.86 -16.20
N CYS B 162 25.78 28.53 -15.00
CA CYS B 162 27.17 28.76 -14.56
C CYS B 162 27.66 27.31 -14.48
N GLU B 163 28.84 27.03 -13.96
CA GLU B 163 29.32 25.62 -13.95
C GLU B 163 29.36 25.07 -15.39
N ARG B 164 30.14 25.71 -16.25
CA ARG B 164 30.25 25.34 -17.65
C ARG B 164 31.15 24.18 -17.96
N ARG B 165 31.58 23.42 -16.94
CA ARG B 165 32.42 22.24 -17.17
C ARG B 165 31.49 21.11 -17.69
N SER B 166 30.26 21.11 -17.20
CA SER B 166 29.26 20.16 -17.65
C SER B 166 28.40 20.98 -18.60
N HIS B 167 27.78 20.30 -19.57
CA HIS B 167 27.04 21.00 -20.62
C HIS B 167 25.54 21.15 -20.56
N GLY B 168 25.07 21.96 -19.63
CA GLY B 168 23.65 22.23 -19.52
C GLY B 168 22.73 21.09 -19.83
N CYS B 169 21.73 21.36 -20.67
CA CYS B 169 20.74 20.34 -21.04
C CYS B 169 21.27 19.07 -21.72
N LYS B 170 22.48 19.16 -22.27
CA LYS B 170 23.14 18.04 -22.97
C LYS B 170 23.74 17.02 -22.00
N GLY B 171 23.70 17.34 -20.71
CA GLY B 171 24.26 16.44 -19.72
C GLY B 171 25.22 17.11 -18.76
N GLY B 172 25.67 16.36 -17.77
CA GLY B 172 26.59 16.96 -16.83
C GLY B 172 27.35 15.98 -15.96
N TYR B 173 27.99 16.53 -14.93
CA TYR B 173 28.76 15.74 -13.98
C TYR B 173 28.50 16.35 -12.62
N PRO B 174 27.89 15.56 -11.71
CA PRO B 174 27.59 16.04 -10.38
C PRO B 174 28.77 16.57 -9.53
N PRO B 175 29.92 15.86 -9.46
CA PRO B 175 31.02 16.38 -8.65
C PRO B 175 31.38 17.82 -9.04
N TYR B 176 31.41 18.10 -10.34
CA TYR B 176 31.70 19.45 -10.80
C TYR B 176 30.69 20.44 -10.21
N ALA B 177 29.43 20.03 -10.19
CA ALA B 177 28.34 20.84 -9.65
C ALA B 177 28.63 21.13 -8.19
N LEU B 178 29.04 20.10 -7.45
CA LEU B 178 29.36 20.24 -6.03
C LEU B 178 30.58 21.17 -5.78
N GLU B 179 31.73 20.91 -6.42
CA GLU B 179 32.91 21.75 -6.25
C GLU B 179 32.56 23.20 -6.53
N TYR B 180 31.54 23.41 -7.36
CA TYR B 180 31.08 24.74 -7.70
C TYR B 180 30.50 25.45 -6.49
N VAL B 181 29.92 24.70 -5.57
CA VAL B 181 29.32 25.34 -4.42
C VAL B 181 30.37 25.71 -3.40
N ALA B 182 31.29 24.79 -3.15
CA ALA B 182 32.38 25.01 -2.21
C ALA B 182 33.09 26.33 -2.51
N LYS B 183 33.22 26.61 -3.81
CA LYS B 183 33.88 27.81 -4.35
C LYS B 183 32.99 29.04 -4.55
N ASN B 184 31.71 28.87 -4.83
CA ASN B 184 30.85 30.04 -5.09
C ASN B 184 29.55 30.16 -4.34
N GLY B 185 29.23 29.17 -3.50
CA GLY B 185 27.97 29.18 -2.79
C GLY B 185 26.84 28.86 -3.78
N ILE B 186 25.62 29.34 -3.53
CA ILE B 186 24.46 29.06 -4.42
C ILE B 186 23.22 29.87 -3.99
N HIS B 187 22.43 30.32 -4.96
CA HIS B 187 21.23 31.14 -4.66
C HIS B 187 19.84 30.46 -4.42
N LEU B 188 18.81 31.29 -4.28
CA LEU B 188 17.45 30.84 -4.02
C LEU B 188 16.63 30.50 -5.27
N ARG B 189 15.99 29.34 -5.25
CA ARG B 189 15.15 28.87 -6.34
C ARG B 189 14.16 29.96 -6.76
N SER B 190 13.59 30.62 -5.76
CA SER B 190 12.59 31.68 -5.96
C SER B 190 13.12 32.89 -6.70
N LYS B 191 14.44 33.10 -6.54
CA LYS B 191 15.17 34.21 -7.16
C LYS B 191 15.71 33.92 -8.57
N TYR B 192 16.33 32.74 -8.71
CA TYR B 192 16.87 32.26 -9.99
C TYR B 192 16.01 30.99 -10.24
N PRO B 193 14.84 31.18 -10.88
CA PRO B 193 13.93 30.06 -11.15
C PRO B 193 14.50 29.11 -12.21
N TYR B 194 13.91 27.91 -12.34
CA TYR B 194 14.31 26.92 -13.35
C TYR B 194 13.56 27.24 -14.66
N LYS B 195 14.25 27.22 -15.81
CA LYS B 195 13.58 27.53 -17.08
C LYS B 195 13.66 26.49 -18.21
N ALA B 196 14.15 25.28 -17.96
CA ALA B 196 14.12 24.22 -19.00
C ALA B 196 15.08 24.44 -20.20
N LYS B 197 15.96 25.43 -20.11
CA LYS B 197 16.98 25.68 -21.14
C LYS B 197 18.03 26.57 -20.49
N GLN B 198 19.27 26.41 -20.95
CA GLN B 198 20.42 27.16 -20.46
C GLN B 198 20.41 28.62 -20.93
N GLY B 199 20.78 29.54 -20.03
CA GLY B 199 20.84 30.97 -20.36
C GLY B 199 22.19 31.49 -19.89
N THR B 200 22.45 32.79 -20.03
CA THR B 200 23.75 33.30 -19.59
C THR B 200 23.77 33.32 -18.08
N CYS B 201 24.92 33.00 -17.48
CA CYS B 201 25.01 32.95 -16.02
C CYS B 201 24.70 34.21 -15.26
N ARG B 202 23.41 34.41 -14.97
CA ARG B 202 22.92 35.58 -14.24
C ARG B 202 23.16 35.52 -12.71
N ALA B 203 24.04 34.61 -12.25
CA ALA B 203 24.33 34.45 -10.81
C ALA B 203 24.53 35.78 -10.11
N LYS B 204 25.20 36.68 -10.82
CA LYS B 204 25.51 38.01 -10.34
C LYS B 204 24.38 39.00 -10.17
N GLN B 205 23.54 39.17 -11.17
CA GLN B 205 22.44 40.14 -11.04
C GLN B 205 21.20 39.67 -10.26
N VAL B 206 21.35 38.60 -9.46
CA VAL B 206 20.22 38.06 -8.75
C VAL B 206 20.43 38.06 -7.23
N GLY B 207 19.45 38.60 -6.52
CA GLY B 207 19.52 38.71 -5.07
C GLY B 207 19.16 37.53 -4.18
N GLY B 208 19.07 37.80 -2.89
CA GLY B 208 18.75 36.76 -1.93
C GLY B 208 19.97 36.12 -1.29
N PRO B 209 19.81 35.49 -0.12
CA PRO B 209 20.96 34.85 0.51
C PRO B 209 21.54 33.74 -0.35
N ILE B 210 22.72 33.30 0.01
CA ILE B 210 23.36 32.21 -0.70
C ILE B 210 23.86 31.18 0.30
N VAL B 211 23.54 29.92 0.06
CA VAL B 211 23.99 28.87 0.97
C VAL B 211 25.44 28.57 0.65
N LYS B 212 26.23 28.31 1.67
CA LYS B 212 27.63 28.05 1.41
C LYS B 212 28.08 26.69 1.85
N THR B 213 29.19 26.26 1.29
CA THR B 213 29.74 24.99 1.66
C THR B 213 31.25 24.95 1.51
N SER B 214 31.81 23.91 2.11
CA SER B 214 33.25 23.70 2.11
C SER B 214 33.65 22.28 1.67
N GLY B 215 33.80 22.10 0.37
CA GLY B 215 34.24 20.82 -0.16
C GLY B 215 33.16 19.89 -0.69
N VAL B 216 33.60 18.64 -0.97
CA VAL B 216 32.77 17.53 -1.48
C VAL B 216 33.47 16.21 -1.09
N GLY B 217 32.70 15.15 -0.85
CA GLY B 217 33.28 13.87 -0.47
C GLY B 217 32.87 12.73 -1.37
N ARG B 218 33.85 11.94 -1.77
CA ARG B 218 33.64 10.80 -2.66
C ARG B 218 33.52 9.49 -1.86
N VAL B 219 32.41 8.77 -2.03
CA VAL B 219 32.26 7.52 -1.32
C VAL B 219 32.82 6.34 -2.12
N GLN B 220 33.38 5.37 -1.38
CA GLN B 220 33.95 4.15 -1.96
C GLN B 220 32.89 3.40 -2.75
N PRO B 221 33.04 3.37 -4.07
CA PRO B 221 32.13 2.71 -5.01
C PRO B 221 32.07 1.20 -4.98
N ASN B 222 31.00 0.66 -5.56
CA ASN B 222 30.75 -0.77 -5.72
C ASN B 222 30.69 -1.62 -4.46
N ASN B 223 30.28 -0.97 -3.38
CA ASN B 223 30.13 -1.61 -2.09
C ASN B 223 28.93 -1.02 -1.38
N GLU B 224 28.00 -1.88 -0.95
CA GLU B 224 26.81 -1.39 -0.27
C GLU B 224 27.08 -0.69 1.06
N GLY B 225 27.83 -1.33 1.95
CA GLY B 225 28.14 -0.77 3.23
C GLY B 225 28.56 0.68 3.16
N ASN B 226 29.56 0.95 2.31
CA ASN B 226 30.08 2.31 2.16
C ASN B 226 28.97 3.30 1.90
N LEU B 227 28.08 2.93 1.01
CA LEU B 227 26.97 3.79 0.66
C LEU B 227 25.99 3.98 1.81
N LEU B 228 25.40 2.90 2.30
CA LEU B 228 24.45 2.97 3.39
C LEU B 228 24.90 3.89 4.52
N ASN B 229 26.13 3.70 5.00
CA ASN B 229 26.69 4.52 6.09
C ASN B 229 26.73 5.98 5.70
N ALA B 230 27.08 6.21 4.44
CA ALA B 230 27.16 7.56 3.90
C ALA B 230 25.75 8.17 3.94
N ILE B 231 24.80 7.46 3.34
CA ILE B 231 23.40 7.88 3.28
C ILE B 231 22.96 8.22 4.71
N ALA B 232 23.41 7.39 5.64
CA ALA B 232 23.10 7.54 7.06
C ALA B 232 23.44 8.90 7.64
N LYS B 233 24.53 9.50 7.17
CA LYS B 233 24.90 10.81 7.70
C LYS B 233 24.14 11.96 7.03
N GLN B 234 23.74 11.75 5.78
CA GLN B 234 23.04 12.78 5.01
C GLN B 234 22.71 12.24 3.62
N PRO B 235 21.93 13.00 2.84
CA PRO B 235 21.57 12.56 1.49
C PRO B 235 22.71 12.66 0.43
N VAL B 236 22.92 11.52 -0.24
CA VAL B 236 23.95 11.32 -1.26
C VAL B 236 23.46 11.40 -2.71
N SER B 237 24.29 11.93 -3.60
CA SER B 237 23.93 11.96 -5.01
C SER B 237 24.49 10.66 -5.58
N VAL B 238 23.68 9.95 -6.35
CA VAL B 238 24.14 8.71 -6.94
C VAL B 238 23.60 8.46 -8.34
N VAL B 239 24.21 7.52 -9.05
CA VAL B 239 23.86 7.24 -10.43
C VAL B 239 23.16 5.93 -10.73
N VAL B 240 22.50 5.85 -11.89
CA VAL B 240 21.74 4.66 -12.27
C VAL B 240 21.38 4.57 -13.77
N GLU B 241 21.03 3.37 -14.26
CA GLU B 241 20.63 3.20 -15.68
C GLU B 241 19.13 3.31 -15.83
N SER B 242 18.65 4.54 -16.03
CA SER B 242 17.21 4.76 -16.20
C SER B 242 16.55 4.59 -17.60
N LYS B 243 17.31 4.17 -18.63
CA LYS B 243 16.75 4.01 -19.97
C LYS B 243 15.80 2.82 -20.13
N GLY B 244 15.84 1.87 -19.19
CA GLY B 244 14.99 0.68 -19.27
C GLY B 244 13.51 0.95 -19.51
N ARG B 245 12.83 0.00 -20.16
CA ARG B 245 11.39 0.13 -20.41
C ARG B 245 10.66 -0.07 -19.06
N PRO B 246 11.12 -1.06 -18.25
CA PRO B 246 10.47 -1.28 -16.96
C PRO B 246 10.51 0.08 -16.23
N PHE B 247 11.73 0.63 -16.14
CA PHE B 247 11.97 1.90 -15.47
C PHE B 247 11.02 3.01 -15.96
N GLN B 248 10.80 3.06 -17.27
CA GLN B 248 9.92 4.05 -17.86
C GLN B 248 8.54 3.98 -17.24
N LEU B 249 8.04 2.77 -17.18
CA LEU B 249 6.69 2.54 -16.69
C LEU B 249 6.59 2.09 -15.24
N TYR B 250 7.58 2.38 -14.41
CA TYR B 250 7.52 1.99 -13.00
C TYR B 250 6.38 2.69 -12.23
N LYS B 251 5.69 1.96 -11.36
CA LYS B 251 4.63 2.57 -10.56
C LYS B 251 4.94 2.48 -9.06
N GLY B 252 5.36 1.31 -8.59
CA GLY B 252 5.68 1.14 -7.19
C GLY B 252 6.40 -0.18 -6.91
N GLY B 253 6.88 -0.33 -5.67
CA GLY B 253 7.55 -1.54 -5.23
C GLY B 253 9.04 -1.49 -5.13
N ILE B 254 9.64 -2.67 -4.95
CA ILE B 254 11.08 -2.80 -4.87
C ILE B 254 11.49 -3.17 -6.29
N PHE B 255 12.01 -2.21 -7.04
CA PHE B 255 12.43 -2.48 -8.40
C PHE B 255 13.68 -3.37 -8.39
N GLU B 256 13.61 -4.51 -9.05
CA GLU B 256 14.75 -5.42 -9.11
C GLU B 256 15.10 -5.81 -10.56
N GLY B 257 15.09 -4.82 -11.45
CA GLY B 257 15.38 -5.07 -12.86
C GLY B 257 14.14 -5.51 -13.63
N PRO B 258 14.28 -5.89 -14.90
CA PRO B 258 15.58 -5.91 -15.58
C PRO B 258 16.11 -4.49 -15.94
N CYS B 259 17.44 -4.36 -15.83
CA CYS B 259 18.16 -3.11 -16.14
C CYS B 259 19.67 -3.43 -16.15
N GLY B 260 20.40 -2.77 -17.05
CA GLY B 260 21.84 -2.98 -17.15
C GLY B 260 22.59 -2.01 -16.27
N THR B 261 23.91 -1.99 -16.37
CA THR B 261 24.74 -1.08 -15.56
C THR B 261 25.30 0.14 -16.31
N LYS B 262 24.80 0.39 -17.52
CA LYS B 262 25.23 1.52 -18.35
C LYS B 262 24.43 2.74 -17.89
N VAL B 263 24.91 3.35 -16.81
CA VAL B 263 24.29 4.52 -16.17
C VAL B 263 24.17 5.79 -17.03
N ASP B 264 23.00 6.41 -16.96
CA ASP B 264 22.69 7.61 -17.74
C ASP B 264 22.02 8.77 -16.96
N GLY B 265 21.89 8.62 -15.64
CA GLY B 265 21.24 9.64 -14.83
C GLY B 265 21.67 9.79 -13.36
N ALA B 266 21.43 11.00 -12.84
CA ALA B 266 21.76 11.39 -11.46
C ALA B 266 20.49 11.57 -10.63
N VAL B 267 20.46 10.89 -9.50
CA VAL B 267 19.31 10.94 -8.62
C VAL B 267 19.76 11.18 -7.17
N THR B 268 18.81 11.36 -6.26
CA THR B 268 19.19 11.55 -4.87
C THR B 268 18.66 10.50 -3.89
N ALA B 269 19.56 9.69 -3.32
CA ALA B 269 19.18 8.66 -2.35
C ALA B 269 18.93 9.40 -1.03
N VAL B 270 17.71 9.34 -0.51
CA VAL B 270 17.40 10.03 0.73
C VAL B 270 17.10 9.08 1.85
N GLY B 271 17.35 7.80 1.63
CA GLY B 271 17.12 6.82 2.68
C GLY B 271 17.31 5.40 2.20
N TYR B 272 17.16 4.47 3.14
CA TYR B 272 17.25 3.05 2.87
C TYR B 272 16.38 2.44 3.94
N GLY B 273 16.07 1.18 3.76
CA GLY B 273 15.24 0.47 4.71
C GLY B 273 15.16 -0.95 4.27
N LYS B 274 14.18 -1.65 4.84
CA LYS B 274 13.96 -3.05 4.54
C LYS B 274 12.48 -3.29 4.75
N SER B 275 11.90 -4.11 3.89
CA SER B 275 10.48 -4.46 4.01
C SER B 275 10.44 -5.97 4.16
N GLY B 276 10.78 -6.41 5.36
CA GLY B 276 10.79 -7.81 5.70
C GLY B 276 11.42 -8.72 4.67
N GLY B 277 12.73 -8.89 4.72
CA GLY B 277 13.40 -9.76 3.77
C GLY B 277 14.16 -9.01 2.71
N LYS B 278 13.45 -8.20 1.93
CA LYS B 278 14.10 -7.42 0.90
C LYS B 278 14.54 -6.05 1.42
N GLY B 279 15.80 -5.71 1.16
CA GLY B 279 16.35 -4.43 1.57
C GLY B 279 16.37 -3.50 0.38
N TYR B 280 16.35 -2.20 0.62
CA TYR B 280 16.34 -1.25 -0.48
C TYR B 280 16.91 0.12 -0.13
N ILE B 281 17.11 0.94 -1.16
CA ILE B 281 17.59 2.31 -1.03
C ILE B 281 16.45 3.14 -1.61
N LEU B 282 16.11 4.24 -0.95
CA LEU B 282 15.01 5.10 -1.38
C LEU B 282 15.53 6.34 -2.09
N ILE B 283 15.04 6.54 -3.31
CA ILE B 283 15.48 7.63 -4.18
C ILE B 283 14.43 8.62 -4.57
N LYS B 284 14.83 9.89 -4.62
CA LYS B 284 13.98 10.97 -5.06
C LYS B 284 14.44 11.23 -6.50
N ASN B 285 13.51 11.22 -7.44
CA ASN B 285 13.77 11.43 -8.87
C ASN B 285 13.23 12.79 -9.35
N SER B 286 13.59 13.18 -10.57
CA SER B 286 13.23 14.47 -11.14
C SER B 286 12.17 14.38 -12.20
N TRP B 287 11.24 13.42 -12.07
CA TRP B 287 10.19 13.30 -13.09
C TRP B 287 8.79 13.68 -12.68
N GLY B 288 8.68 14.49 -11.62
CA GLY B 288 7.38 14.91 -11.16
C GLY B 288 6.79 13.88 -10.23
N THR B 289 5.55 14.11 -9.83
CA THR B 289 4.88 13.21 -8.93
C THR B 289 3.99 12.17 -9.58
N ALA B 290 3.81 12.26 -10.90
CA ALA B 290 2.99 11.30 -11.64
C ALA B 290 3.74 10.04 -12.03
N TRP B 291 5.04 9.96 -11.72
CA TRP B 291 5.89 8.80 -12.01
C TRP B 291 6.22 8.09 -10.69
N GLY B 292 6.29 6.76 -10.68
CA GLY B 292 6.62 6.02 -9.47
C GLY B 292 5.74 6.32 -8.27
N GLU B 293 6.34 6.19 -7.09
CA GLU B 293 5.63 6.42 -5.84
C GLU B 293 5.71 7.89 -5.44
N LYS B 294 4.81 8.66 -6.05
CA LYS B 294 4.73 10.09 -5.84
C LYS B 294 6.07 10.81 -6.10
N GLY B 295 6.74 10.41 -7.19
CA GLY B 295 8.01 10.95 -7.60
C GLY B 295 9.21 10.11 -7.18
N TYR B 296 9.03 9.21 -6.23
CA TYR B 296 10.13 8.38 -5.72
C TYR B 296 10.14 6.93 -6.23
N ILE B 297 11.26 6.23 -5.99
CA ILE B 297 11.43 4.83 -6.36
C ILE B 297 12.30 4.11 -5.32
N ARG B 298 11.99 2.86 -5.00
CA ARG B 298 12.79 2.13 -4.03
C ARG B 298 13.49 1.01 -4.81
N ILE B 299 14.82 1.04 -4.84
CA ILE B 299 15.57 0.02 -5.60
C ILE B 299 16.21 -1.03 -4.70
N LYS B 300 16.23 -2.26 -5.17
CA LYS B 300 16.80 -3.36 -4.41
C LYS B 300 18.25 -3.16 -4.09
N ARG B 301 18.63 -3.68 -2.95
CA ARG B 301 19.99 -3.58 -2.49
C ARG B 301 20.78 -4.84 -2.83
N ALA B 302 21.87 -4.65 -3.55
CA ALA B 302 22.81 -5.71 -3.81
C ALA B 302 23.80 -5.67 -2.67
N PRO B 303 24.02 -6.80 -2.07
CA PRO B 303 24.82 -6.92 -0.87
C PRO B 303 26.29 -6.71 -1.04
N GLY B 304 26.88 -6.05 -0.09
CA GLY B 304 28.29 -5.90 -0.10
C GLY B 304 28.92 -5.53 -1.45
N ASN B 305 29.36 -6.54 -2.25
CA ASN B 305 30.20 -6.21 -3.42
C ASN B 305 29.71 -6.48 -4.82
N SER B 306 29.38 -5.39 -5.50
CA SER B 306 28.88 -5.41 -6.86
C SER B 306 28.65 -3.95 -7.23
N PRO B 307 28.31 -3.67 -8.50
CA PRO B 307 28.08 -2.28 -8.92
C PRO B 307 26.75 -1.75 -8.46
N GLY B 308 25.93 -2.66 -7.96
CA GLY B 308 24.60 -2.33 -7.53
C GLY B 308 23.64 -2.69 -8.63
N VAL B 309 22.36 -2.70 -8.30
CA VAL B 309 21.30 -2.99 -9.27
C VAL B 309 21.27 -1.76 -10.18
N CYS B 310 21.24 -1.95 -11.50
CA CYS B 310 21.23 -0.81 -12.44
C CYS B 310 22.43 0.11 -12.19
N GLY B 311 23.55 -0.50 -11.78
CA GLY B 311 24.79 0.22 -11.50
C GLY B 311 24.63 1.32 -10.48
N LEU B 312 23.82 1.05 -9.48
CA LEU B 312 23.54 2.03 -8.46
C LEU B 312 24.73 2.45 -7.60
N TYR B 313 25.57 1.50 -7.26
CA TYR B 313 26.73 1.75 -6.42
C TYR B 313 27.88 2.42 -7.14
N LYS B 314 27.84 2.38 -8.48
CA LYS B 314 28.89 2.95 -9.31
C LYS B 314 29.48 4.35 -9.05
N SER B 315 28.69 5.34 -8.67
CA SER B 315 29.29 6.66 -8.45
C SER B 315 28.47 7.58 -7.50
N SER B 316 28.90 7.67 -6.25
CA SER B 316 28.20 8.47 -5.26
C SER B 316 29.09 9.55 -4.61
N TYR B 317 28.54 10.76 -4.45
CA TYR B 317 29.24 11.91 -3.86
C TYR B 317 28.30 12.69 -2.95
N TYR B 318 28.84 13.45 -2.02
CA TYR B 318 28.04 14.24 -1.07
C TYR B 318 28.72 15.56 -0.73
N PRO B 319 27.92 16.63 -0.56
CA PRO B 319 28.62 17.87 -0.23
C PRO B 319 29.01 17.76 1.25
N THR B 320 30.07 18.45 1.69
CA THR B 320 30.50 18.47 3.10
C THR B 320 30.43 19.94 3.56
N LYS B 321 29.66 20.22 4.61
CA LYS B 321 29.55 21.60 5.09
C LYS B 321 30.15 21.76 6.47
N ASN B 322 30.76 22.93 6.65
CA ASN B 322 31.44 23.40 7.87
C ASN B 322 30.56 23.27 9.11
N LEU C 12 1.01 -11.63 -1.85
CA LEU C 12 1.08 -10.85 -0.57
C LEU C 12 1.71 -9.44 -0.75
N THR C 13 2.38 -9.21 -1.89
CA THR C 13 2.98 -7.92 -2.22
C THR C 13 1.80 -7.04 -2.59
N SER C 14 0.79 -7.73 -3.15
CA SER C 14 -0.50 -7.20 -3.59
C SER C 14 -0.95 -6.11 -2.64
N THR C 15 -0.72 -6.32 -1.35
CA THR C 15 -1.12 -5.34 -0.39
C THR C 15 -0.60 -3.93 -0.64
N GLU C 16 0.70 -3.75 -0.91
CA GLU C 16 1.18 -2.39 -1.18
C GLU C 16 0.54 -1.87 -2.45
N ARG C 17 0.32 -2.79 -3.40
CA ARG C 17 -0.31 -2.48 -4.67
C ARG C 17 -1.69 -1.84 -4.44
N LEU C 18 -2.51 -2.56 -3.67
CA LEU C 18 -3.86 -2.14 -3.30
C LEU C 18 -3.87 -0.83 -2.57
N ILE C 19 -3.01 -0.72 -1.57
CA ILE C 19 -2.97 0.51 -0.81
C ILE C 19 -2.68 1.66 -1.76
N GLN C 20 -1.60 1.54 -2.54
CA GLN C 20 -1.16 2.56 -3.50
C GLN C 20 -2.31 2.93 -4.42
N LEU C 21 -2.99 1.90 -4.89
CA LEU C 21 -4.15 2.02 -5.76
C LEU C 21 -5.33 2.76 -5.06
N PHE C 22 -5.79 2.29 -3.89
CA PHE C 22 -6.88 2.94 -3.16
C PHE C 22 -6.52 4.44 -3.07
N ASN C 23 -5.25 4.72 -2.80
CA ASN C 23 -4.75 6.08 -2.68
C ASN C 23 -5.03 7.03 -3.84
N SER C 24 -4.87 6.56 -5.09
CA SER C 24 -5.09 7.41 -6.28
C SER C 24 -6.57 7.60 -6.44
N TRP C 25 -7.32 6.50 -6.31
CA TRP C 25 -8.77 6.52 -6.41
C TRP C 25 -9.27 7.61 -5.46
N MET C 26 -8.65 7.68 -4.29
CA MET C 26 -9.02 8.69 -3.33
C MET C 26 -8.90 10.15 -3.82
N LEU C 27 -7.69 10.60 -4.19
CA LEU C 27 -7.58 11.99 -4.62
C LEU C 27 -8.22 12.23 -5.98
N ASN C 28 -8.33 11.17 -6.78
CA ASN C 28 -8.98 11.30 -8.08
C ASN C 28 -10.48 11.52 -7.95
N HIS C 29 -11.00 11.34 -6.73
CA HIS C 29 -12.41 11.55 -6.43
C HIS C 29 -12.53 12.46 -5.21
N ASN C 30 -11.56 13.36 -5.01
CA ASN C 30 -11.54 14.29 -3.88
C ASN C 30 -12.16 13.80 -2.55
N LYS C 31 -11.59 12.69 -2.06
CA LYS C 31 -11.99 12.02 -0.82
C LYS C 31 -11.01 12.25 0.32
N PHE C 32 -11.50 12.75 1.45
CA PHE C 32 -10.69 13.02 2.65
C PHE C 32 -11.47 12.32 3.76
N TYR C 33 -10.75 11.87 4.80
CA TYR C 33 -11.33 11.21 5.98
C TYR C 33 -10.70 11.88 7.21
N GLU C 34 -11.45 12.21 8.25
CA GLU C 34 -10.80 12.93 9.37
C GLU C 34 -9.84 12.14 10.26
N ASN C 35 -10.24 10.91 10.60
CA ASN C 35 -9.44 10.01 11.45
C ASN C 35 -8.87 8.83 10.66
N VAL C 36 -7.76 8.27 11.13
CA VAL C 36 -7.11 7.14 10.46
C VAL C 36 -7.96 5.86 10.31
N ASP C 37 -8.70 5.51 11.36
CA ASP C 37 -9.52 4.31 11.33
C ASP C 37 -10.62 4.30 10.28
N GLU C 38 -11.13 5.45 9.89
CA GLU C 38 -12.15 5.41 8.87
C GLU C 38 -11.50 4.92 7.59
N LYS C 39 -10.33 5.49 7.28
CA LYS C 39 -9.64 5.09 6.07
C LYS C 39 -9.46 3.61 6.03
N LEU C 40 -9.04 3.07 7.17
CA LEU C 40 -8.84 1.63 7.35
C LEU C 40 -10.11 0.84 7.02
N TYR C 41 -11.24 1.33 7.50
CA TYR C 41 -12.54 0.76 7.28
C TYR C 41 -12.89 0.83 5.79
N ARG C 42 -12.76 2.04 5.24
CA ARG C 42 -13.04 2.32 3.85
C ARG C 42 -12.24 1.43 2.94
N PHE C 43 -10.94 1.35 3.26
CA PHE C 43 -10.06 0.51 2.48
C PHE C 43 -10.63 -0.93 2.40
N GLU C 44 -11.10 -1.44 3.55
CA GLU C 44 -11.68 -2.78 3.61
C GLU C 44 -12.92 -3.02 2.74
N ILE C 45 -13.75 -1.97 2.64
CA ILE C 45 -14.98 -1.97 1.85
C ILE C 45 -14.55 -2.07 0.42
N PHE C 46 -13.70 -1.11 0.07
CA PHE C 46 -13.11 -0.95 -1.26
C PHE C 46 -12.65 -2.29 -1.81
N LYS C 47 -11.79 -2.93 -1.02
CA LYS C 47 -11.25 -4.26 -1.34
C LYS C 47 -12.38 -5.23 -1.69
N ASP C 48 -13.37 -5.31 -0.82
CA ASP C 48 -14.48 -6.20 -1.05
C ASP C 48 -15.14 -5.88 -2.39
N ASN C 49 -15.44 -4.59 -2.60
CA ASN C 49 -16.09 -4.15 -3.82
C ASN C 49 -15.30 -4.64 -5.02
N LEU C 50 -14.01 -4.33 -5.00
CA LEU C 50 -13.12 -4.75 -6.07
C LEU C 50 -13.28 -6.24 -6.44
N ASN C 51 -13.38 -7.08 -5.43
CA ASN C 51 -13.56 -8.50 -5.67
C ASN C 51 -14.83 -8.80 -6.41
N TYR C 52 -15.92 -8.13 -6.01
CA TYR C 52 -17.23 -8.31 -6.63
C TYR C 52 -17.07 -7.91 -8.07
N ILE C 53 -16.34 -6.82 -8.29
CA ILE C 53 -16.08 -6.28 -9.61
C ILE C 53 -15.33 -7.27 -10.53
N ASP C 54 -14.44 -8.08 -9.99
CA ASP C 54 -13.72 -9.06 -10.82
C ASP C 54 -14.55 -10.28 -11.11
N GLU C 55 -15.04 -10.94 -10.06
CA GLU C 55 -15.86 -12.15 -10.19
C GLU C 55 -16.93 -11.90 -11.24
N THR C 56 -17.34 -10.66 -11.29
CA THR C 56 -18.39 -10.24 -12.17
C THR C 56 -17.95 -9.84 -13.59
N ASN C 57 -16.77 -9.26 -13.75
CA ASN C 57 -16.33 -8.87 -15.09
C ASN C 57 -15.88 -10.08 -15.87
N LYS C 58 -15.37 -11.07 -15.14
CA LYS C 58 -14.94 -12.32 -15.72
C LYS C 58 -16.14 -13.07 -16.30
N LYS C 59 -17.34 -12.74 -15.81
CA LYS C 59 -18.57 -13.39 -16.27
C LYS C 59 -18.79 -13.29 -17.78
N ASN C 60 -18.10 -12.37 -18.44
CA ASN C 60 -18.21 -12.22 -19.88
C ASN C 60 -19.63 -11.83 -20.33
N ASN C 61 -20.08 -10.67 -19.88
CA ASN C 61 -21.38 -10.16 -20.31
C ASN C 61 -21.09 -8.97 -21.22
N SER C 62 -22.10 -8.14 -21.46
CA SER C 62 -22.00 -7.00 -22.38
C SER C 62 -21.72 -5.61 -21.81
N TYR C 63 -21.32 -5.55 -20.54
CA TYR C 63 -21.01 -4.29 -19.85
C TYR C 63 -19.94 -4.58 -18.81
N TRP C 64 -19.44 -3.56 -18.13
CA TRP C 64 -18.43 -3.79 -17.12
C TRP C 64 -18.58 -2.88 -15.88
N LEU C 65 -18.30 -3.45 -14.71
CA LEU C 65 -18.38 -2.72 -13.44
C LEU C 65 -17.01 -2.13 -13.18
N GLY C 66 -16.93 -1.11 -12.31
CA GLY C 66 -15.64 -0.51 -12.02
C GLY C 66 -15.54 0.34 -10.78
N LEU C 67 -14.35 0.81 -10.48
CA LEU C 67 -14.09 1.66 -9.33
C LEU C 67 -14.59 3.12 -9.48
N ASN C 68 -15.91 3.26 -9.65
CA ASN C 68 -16.54 4.56 -9.81
C ASN C 68 -16.65 5.37 -8.49
N GLU C 69 -17.48 6.42 -8.52
CA GLU C 69 -17.70 7.35 -7.40
C GLU C 69 -18.09 6.69 -6.07
N PHE C 70 -18.70 5.52 -6.16
CA PHE C 70 -19.19 4.78 -5.00
C PHE C 70 -18.41 3.55 -4.58
N ALA C 71 -17.19 3.38 -5.10
CA ALA C 71 -16.35 2.24 -4.78
C ALA C 71 -16.09 2.19 -3.27
N ASP C 72 -16.05 3.38 -2.71
CA ASP C 72 -15.85 3.75 -1.32
C ASP C 72 -16.84 3.10 -0.32
N LEU C 73 -18.10 3.08 -0.72
CA LEU C 73 -19.22 2.66 0.09
C LEU C 73 -19.73 1.25 -0.10
N SER C 74 -20.47 0.78 0.91
CA SER C 74 -21.10 -0.54 0.95
C SER C 74 -22.42 -0.40 0.24
N ASN C 75 -23.03 -1.53 -0.17
CA ASN C 75 -24.31 -1.44 -0.84
C ASN C 75 -25.45 -0.83 -0.01
N ASP C 76 -25.65 -1.31 1.22
CA ASP C 76 -26.72 -0.80 2.09
C ASP C 76 -26.56 0.71 2.32
N GLU C 77 -25.32 1.12 2.49
CA GLU C 77 -24.96 2.52 2.73
C GLU C 77 -25.30 3.39 1.52
N PHE C 78 -25.09 2.81 0.35
CA PHE C 78 -25.36 3.45 -0.91
C PHE C 78 -26.87 3.69 -1.07
N ASN C 79 -27.71 2.71 -0.77
CA ASN C 79 -29.16 2.90 -0.87
C ASN C 79 -29.68 3.92 0.10
N GLU C 80 -28.98 4.03 1.22
CA GLU C 80 -29.37 4.95 2.27
C GLU C 80 -29.42 6.38 1.85
N LYS C 81 -28.32 6.83 1.25
CA LYS C 81 -28.20 8.21 0.83
C LYS C 81 -28.47 8.55 -0.64
N TYR C 82 -28.41 7.56 -1.51
CA TYR C 82 -28.60 7.86 -2.90
C TYR C 82 -29.70 7.21 -3.69
N VAL C 83 -30.38 6.16 -3.23
CA VAL C 83 -31.44 5.60 -4.08
C VAL C 83 -32.50 6.67 -4.45
N GLY C 84 -32.87 7.50 -3.47
CA GLY C 84 -33.85 8.57 -3.71
C GLY C 84 -35.15 8.06 -4.30
N SER C 85 -35.95 7.41 -3.45
CA SER C 85 -37.21 6.77 -3.81
C SER C 85 -38.37 7.47 -4.52
N LEU C 86 -39.32 6.61 -4.89
CA LEU C 86 -40.55 6.95 -5.59
C LEU C 86 -41.70 6.59 -4.65
N ILE C 87 -42.84 7.24 -4.80
CA ILE C 87 -44.05 6.95 -4.01
C ILE C 87 -45.04 6.42 -5.06
N ASP C 88 -46.26 6.00 -4.73
CA ASP C 88 -47.15 5.55 -5.81
C ASP C 88 -48.63 5.78 -5.65
N ALA C 89 -49.30 6.09 -6.75
CA ALA C 89 -50.75 6.30 -6.75
C ALA C 89 -51.36 5.20 -7.62
N THR C 90 -52.68 4.98 -7.49
CA THR C 90 -53.36 3.93 -8.25
C THR C 90 -54.39 4.51 -9.23
N ILE C 91 -54.99 3.65 -10.06
CA ILE C 91 -55.98 4.03 -11.08
C ILE C 91 -55.71 5.47 -11.54
N GLU C 92 -54.51 5.64 -12.11
CA GLU C 92 -53.99 6.91 -12.61
C GLU C 92 -55.00 7.92 -13.09
N GLN C 93 -54.66 9.19 -12.91
CA GLN C 93 -55.54 10.28 -13.30
C GLN C 93 -55.97 10.39 -14.79
N SER C 94 -55.67 9.39 -15.63
CA SER C 94 -56.03 9.42 -17.07
C SER C 94 -55.59 10.79 -17.64
N TYR C 95 -54.31 10.86 -17.98
CA TYR C 95 -53.67 12.09 -18.42
C TYR C 95 -54.10 12.79 -19.71
N ASP C 96 -53.79 14.09 -19.78
CA ASP C 96 -54.14 14.97 -20.92
C ASP C 96 -54.23 14.27 -22.28
N GLU C 97 -53.09 13.80 -22.79
CA GLU C 97 -53.05 13.10 -24.07
C GLU C 97 -52.47 11.69 -23.87
N GLU C 98 -53.36 10.70 -23.87
CA GLU C 98 -52.98 9.30 -23.73
C GLU C 98 -52.22 9.06 -25.02
N PHE C 99 -50.94 8.74 -24.89
CA PHE C 99 -50.08 8.51 -26.06
C PHE C 99 -50.85 7.75 -27.12
N ILE C 100 -51.22 8.44 -28.20
CA ILE C 100 -51.96 7.88 -29.33
C ILE C 100 -51.13 6.68 -29.83
N ASN C 101 -51.27 5.57 -29.09
CA ASN C 101 -50.58 4.28 -29.25
C ASN C 101 -49.77 3.90 -30.49
N GLU C 102 -48.45 3.77 -30.27
CA GLU C 102 -47.50 3.39 -31.31
C GLU C 102 -47.07 1.92 -31.21
N ASP C 103 -46.30 1.45 -32.19
CA ASP C 103 -45.85 0.05 -32.24
C ASP C 103 -44.83 -0.22 -33.34
N ILE C 104 -45.30 -0.15 -34.58
CA ILE C 104 -44.49 -0.41 -35.78
C ILE C 104 -43.17 0.37 -35.86
N VAL C 105 -42.06 -0.37 -35.99
CA VAL C 105 -40.71 0.19 -36.08
C VAL C 105 -40.54 0.83 -37.49
N ASN C 106 -39.33 0.78 -38.03
CA ASN C 106 -39.03 1.33 -39.35
C ASN C 106 -39.29 2.83 -39.27
N LEU C 107 -38.70 3.31 -38.18
CA LEU C 107 -38.64 4.69 -37.73
C LEU C 107 -37.10 4.74 -37.61
N PRO C 108 -36.54 5.85 -37.12
CA PRO C 108 -35.08 5.96 -37.00
C PRO C 108 -34.30 4.79 -36.40
N GLU C 109 -32.99 4.83 -36.61
CA GLU C 109 -32.11 3.81 -36.09
C GLU C 109 -31.52 4.23 -34.74
N ASN C 110 -31.01 5.46 -34.72
CA ASN C 110 -30.37 6.04 -33.55
C ASN C 110 -30.83 7.45 -33.33
N VAL C 111 -31.12 7.76 -32.08
CA VAL C 111 -31.58 9.08 -31.68
C VAL C 111 -30.72 9.48 -30.52
N ASP C 112 -30.42 10.77 -30.42
CA ASP C 112 -29.58 11.27 -29.36
C ASP C 112 -29.79 12.78 -29.23
N TRP C 113 -30.74 13.16 -28.37
CA TRP C 113 -31.10 14.56 -28.16
C TRP C 113 -30.00 15.48 -27.66
N ARG C 114 -28.78 14.97 -27.60
CA ARG C 114 -27.67 15.80 -27.18
C ARG C 114 -27.00 16.44 -28.40
N LYS C 115 -27.13 15.75 -29.55
CA LYS C 115 -26.60 16.22 -30.82
C LYS C 115 -27.32 17.53 -31.13
N LYS C 116 -28.66 17.48 -31.19
CA LYS C 116 -29.47 18.69 -31.38
C LYS C 116 -29.48 19.71 -30.19
N GLY C 117 -28.40 19.86 -29.44
CA GLY C 117 -28.38 20.84 -28.32
C GLY C 117 -29.68 20.91 -27.52
N ALA C 118 -30.15 19.76 -27.02
CA ALA C 118 -31.40 19.70 -26.26
C ALA C 118 -31.27 19.01 -24.91
N VAL C 119 -30.04 18.84 -24.43
CA VAL C 119 -29.82 18.23 -23.12
C VAL C 119 -28.82 19.07 -22.39
N THR C 120 -29.06 19.34 -21.12
CA THR C 120 -28.12 20.14 -20.35
C THR C 120 -27.00 19.25 -19.77
N PRO C 121 -25.97 19.86 -19.14
CA PRO C 121 -24.91 19.03 -18.57
C PRO C 121 -25.53 18.12 -17.49
N VAL C 122 -24.86 17.05 -17.08
CA VAL C 122 -25.44 16.17 -16.05
C VAL C 122 -25.25 16.76 -14.64
N ARG C 123 -26.15 16.42 -13.70
CA ARG C 123 -26.07 16.97 -12.34
C ARG C 123 -25.98 15.92 -11.22
N HIS C 124 -25.76 16.39 -10.00
CA HIS C 124 -25.66 15.49 -8.86
C HIS C 124 -26.69 15.81 -7.78
N GLN C 125 -27.65 14.88 -7.58
CA GLN C 125 -28.73 15.01 -6.58
C GLN C 125 -28.38 14.94 -5.09
N GLY C 126 -27.09 14.77 -4.75
CA GLY C 126 -26.63 14.71 -3.36
C GLY C 126 -27.30 13.67 -2.51
N SER C 127 -27.35 13.89 -1.19
CA SER C 127 -27.98 12.97 -0.23
C SER C 127 -29.45 13.34 -0.07
N CYS C 128 -30.13 13.44 -1.23
CA CYS C 128 -31.55 13.80 -1.33
C CYS C 128 -32.30 12.92 -2.35
N GLY C 129 -33.43 12.37 -1.93
CA GLY C 129 -34.22 11.50 -2.80
C GLY C 129 -35.11 12.20 -3.78
N SER C 130 -34.49 13.15 -4.49
CA SER C 130 -35.14 13.97 -5.49
C SER C 130 -35.00 13.54 -6.94
N CYS C 131 -34.77 12.27 -7.24
CA CYS C 131 -34.63 11.93 -8.64
C CYS C 131 -35.88 12.30 -9.44
N TRP C 132 -37.06 12.19 -8.82
CA TRP C 132 -38.30 12.56 -9.51
C TRP C 132 -38.25 14.00 -10.08
N ALA C 133 -37.80 14.95 -9.27
CA ALA C 133 -37.69 16.36 -9.70
C ALA C 133 -36.72 16.52 -10.89
N PHE C 134 -35.51 15.99 -10.71
CA PHE C 134 -34.49 16.02 -11.72
C PHE C 134 -34.95 15.48 -13.05
N SER C 135 -35.60 14.31 -13.02
CA SER C 135 -36.11 13.63 -14.22
C SER C 135 -37.01 14.58 -15.01
N ALA C 136 -38.06 15.08 -14.37
CA ALA C 136 -38.98 15.99 -15.02
C ALA C 136 -38.25 17.20 -15.61
N VAL C 137 -37.56 17.97 -14.77
CA VAL C 137 -36.79 19.16 -15.22
C VAL C 137 -36.08 18.93 -16.56
N ALA C 138 -35.42 17.78 -16.67
CA ALA C 138 -34.74 17.41 -17.90
C ALA C 138 -35.71 17.31 -19.09
N THR C 139 -36.71 16.42 -19.01
CA THR C 139 -37.68 16.22 -20.11
C THR C 139 -38.30 17.51 -20.59
N VAL C 140 -38.49 18.47 -19.68
CA VAL C 140 -39.05 19.74 -20.08
C VAL C 140 -37.99 20.62 -20.69
N GLU C 141 -36.81 20.70 -20.09
CA GLU C 141 -35.73 21.53 -20.66
C GLU C 141 -35.63 21.18 -22.16
N GLY C 142 -35.80 19.88 -22.43
CA GLY C 142 -35.75 19.36 -23.78
C GLY C 142 -36.91 19.79 -24.67
N ILE C 143 -38.13 19.40 -24.30
CA ILE C 143 -39.30 19.75 -25.10
C ILE C 143 -39.31 21.25 -25.38
N ASN C 144 -38.71 22.03 -24.50
CA ASN C 144 -38.63 23.48 -24.67
C ASN C 144 -37.75 23.83 -25.88
N LYS C 145 -36.48 23.39 -25.88
CA LYS C 145 -35.59 23.68 -27.00
C LYS C 145 -36.20 23.16 -28.31
N ILE C 146 -36.85 21.99 -28.28
CA ILE C 146 -37.51 21.46 -29.49
C ILE C 146 -38.54 22.45 -30.11
N ARG C 147 -39.08 23.35 -29.27
CA ARG C 147 -40.05 24.36 -29.71
C ARG C 147 -39.31 25.69 -29.91
N THR C 148 -38.91 26.29 -28.80
CA THR C 148 -38.20 27.56 -28.79
C THR C 148 -36.82 27.58 -29.45
N GLY C 149 -36.29 26.43 -29.89
CA GLY C 149 -34.94 26.42 -30.47
C GLY C 149 -33.90 27.07 -29.54
N LYS C 150 -34.21 27.10 -28.25
CA LYS C 150 -33.34 27.69 -27.24
C LYS C 150 -33.33 26.68 -26.08
N LEU C 151 -32.15 26.41 -25.54
CA LEU C 151 -32.02 25.46 -24.43
C LEU C 151 -31.69 26.25 -23.18
N VAL C 152 -32.43 26.01 -22.09
CA VAL C 152 -32.10 26.73 -20.88
C VAL C 152 -32.13 25.95 -19.55
N GLU C 153 -31.32 26.43 -18.59
CA GLU C 153 -31.18 25.81 -17.28
C GLU C 153 -32.22 26.18 -16.24
N LEU C 154 -33.18 25.25 -16.08
CA LEU C 154 -34.31 25.33 -15.17
C LEU C 154 -34.03 24.78 -13.78
N SER C 155 -34.79 25.26 -12.79
CA SER C 155 -34.64 24.88 -11.37
C SER C 155 -35.44 23.69 -10.84
N GLU C 156 -34.75 22.63 -10.40
CA GLU C 156 -35.38 21.44 -9.81
C GLU C 156 -35.85 21.84 -8.41
N GLN C 157 -35.08 22.75 -7.80
CA GLN C 157 -35.36 23.26 -6.46
C GLN C 157 -36.79 23.76 -6.28
N GLU C 158 -37.35 24.38 -7.32
CA GLU C 158 -38.71 24.86 -7.22
C GLU C 158 -39.61 23.66 -6.96
N LEU C 159 -39.49 22.66 -7.82
CA LEU C 159 -40.29 21.47 -7.69
C LEU C 159 -40.24 20.82 -6.31
N VAL C 160 -39.08 20.81 -5.68
CA VAL C 160 -39.02 20.17 -4.37
C VAL C 160 -39.76 20.98 -3.33
N ASP C 161 -39.59 22.31 -3.39
CA ASP C 161 -40.20 23.25 -2.44
C ASP C 161 -41.70 23.52 -2.62
N CYS C 162 -42.18 23.49 -3.87
CA CYS C 162 -43.59 23.70 -4.23
C CYS C 162 -43.94 22.30 -4.70
N GLU C 163 -45.12 22.05 -5.27
CA GLU C 163 -45.46 20.67 -5.67
C GLU C 163 -45.41 19.73 -4.43
N ARG C 164 -46.22 20.04 -3.43
CA ARG C 164 -46.25 19.29 -2.18
C ARG C 164 -47.04 18.00 -2.20
N ARG C 165 -47.43 17.53 -3.39
CA ARG C 165 -48.15 16.26 -3.49
C ARG C 165 -47.11 15.12 -3.31
N SER C 166 -45.90 15.37 -3.78
CA SER C 166 -44.80 14.42 -3.61
C SER C 166 -44.00 15.02 -2.48
N HIS C 167 -43.30 14.18 -1.73
CA HIS C 167 -42.59 14.63 -0.54
C HIS C 167 -41.11 14.93 -0.56
N GLY C 168 -40.75 16.01 -1.24
CA GLY C 168 -39.36 16.43 -1.26
C GLY C 168 -38.32 15.34 -1.29
N CYS C 169 -37.34 15.45 -0.41
CA CYS C 169 -36.24 14.46 -0.34
C CYS C 169 -36.64 13.03 -0.03
N LYS C 170 -37.84 12.84 0.53
CA LYS C 170 -38.37 11.52 0.89
C LYS C 170 -38.91 10.75 -0.32
N GLY C 171 -38.93 11.41 -1.47
CA GLY C 171 -39.43 10.78 -2.67
C GLY C 171 -40.48 11.59 -3.40
N GLY C 172 -40.90 11.10 -4.55
CA GLY C 172 -41.89 11.84 -5.30
C GLY C 172 -42.58 11.07 -6.40
N TYR C 173 -43.30 11.82 -7.24
CA TYR C 173 -44.03 11.25 -8.36
C TYR C 173 -43.87 12.23 -9.51
N PRO C 174 -43.21 11.78 -10.58
CA PRO C 174 -42.99 12.63 -11.74
C PRO C 174 -44.23 13.27 -12.41
N PRO C 175 -45.32 12.49 -12.68
CA PRO C 175 -46.49 13.12 -13.30
C PRO C 175 -46.95 14.35 -12.52
N TYR C 176 -46.97 14.26 -11.21
CA TYR C 176 -47.38 15.39 -10.38
C TYR C 176 -46.48 16.60 -10.68
N ALA C 177 -45.17 16.33 -10.81
CA ALA C 177 -44.19 17.37 -11.12
C ALA C 177 -44.54 18.01 -12.45
N LEU C 178 -44.88 17.18 -13.43
CA LEU C 178 -45.25 17.67 -14.75
C LEU C 178 -46.55 18.52 -14.74
N GLU C 179 -47.66 17.99 -14.19
CA GLU C 179 -48.91 18.73 -14.12
C GLU C 179 -48.69 20.08 -13.45
N TYR C 180 -47.66 20.14 -12.60
CA TYR C 180 -47.32 21.36 -11.91
C TYR C 180 -46.84 22.43 -12.88
N VAL C 181 -46.21 22.03 -13.97
CA VAL C 181 -45.72 23.01 -14.91
C VAL C 181 -46.84 23.54 -15.78
N ALA C 182 -47.67 22.63 -16.26
CA ALA C 182 -48.79 23.00 -17.11
C ALA C 182 -49.60 24.12 -16.45
N LYS C 183 -49.73 24.02 -15.12
CA LYS C 183 -50.47 24.96 -14.28
C LYS C 183 -49.70 26.18 -13.74
N ASN C 184 -48.40 26.05 -13.53
CA ASN C 184 -47.64 27.17 -12.96
C ASN C 184 -46.38 27.62 -13.66
N GLY C 185 -46.00 26.93 -14.74
CA GLY C 185 -44.76 27.26 -15.42
C GLY C 185 -43.58 26.78 -14.57
N ILE C 186 -42.42 27.43 -14.66
CA ILE C 186 -41.21 27.02 -13.90
C ILE C 186 -40.06 28.03 -14.08
N HIS C 187 -39.29 28.28 -13.03
CA HIS C 187 -38.18 29.25 -13.10
C HIS C 187 -36.73 28.80 -13.52
N LEU C 188 -35.79 29.74 -13.44
CA LEU C 188 -34.40 29.49 -13.81
C LEU C 188 -33.52 28.91 -12.71
N ARG C 189 -32.78 27.86 -13.06
CA ARG C 189 -31.87 27.19 -12.13
C ARG C 189 -30.97 28.21 -11.44
N SER C 190 -30.49 29.17 -12.22
CA SER C 190 -29.58 30.22 -11.73
C SER C 190 -30.20 31.12 -10.69
N LYS C 191 -31.53 31.26 -10.77
CA LYS C 191 -32.34 32.08 -9.88
C LYS C 191 -32.81 31.35 -8.60
N TYR C 192 -33.32 30.14 -8.78
CA TYR C 192 -33.77 29.27 -7.69
C TYR C 192 -32.80 28.08 -7.79
N PRO C 193 -31.63 28.18 -7.14
CA PRO C 193 -30.62 27.12 -7.19
C PRO C 193 -31.07 25.87 -6.43
N TYR C 194 -30.38 24.75 -6.63
CA TYR C 194 -30.65 23.49 -5.93
C TYR C 194 -29.90 23.50 -4.59
N LYS C 195 -30.55 23.10 -3.49
CA LYS C 195 -29.88 23.12 -2.18
C LYS C 195 -29.83 21.80 -1.38
N ALA C 196 -30.21 20.66 -1.94
CA ALA C 196 -30.07 19.37 -1.24
C ALA C 196 -31.00 19.16 -0.04
N LYS C 197 -31.96 20.04 0.15
CA LYS C 197 -32.97 19.91 1.22
C LYS C 197 -34.12 20.84 0.84
N GLN C 198 -35.32 20.45 1.25
CA GLN C 198 -36.56 21.18 0.99
C GLN C 198 -36.67 22.45 1.84
N GLY C 199 -37.13 23.55 1.24
CA GLY C 199 -37.31 24.83 1.94
C GLY C 199 -38.72 25.33 1.64
N THR C 200 -39.10 26.50 2.14
CA THR C 200 -40.45 27.00 1.85
C THR C 200 -40.51 27.42 0.41
N CYS C 201 -41.64 27.18 -0.25
CA CYS C 201 -41.78 27.52 -1.67
C CYS C 201 -41.58 28.96 -2.05
N ARG C 202 -40.32 29.36 -2.28
CA ARG C 202 -39.97 30.72 -2.66
C ARG C 202 -40.25 31.06 -4.15
N ALA C 203 -41.05 30.23 -4.84
CA ALA C 203 -41.38 30.44 -6.26
C ALA C 203 -41.71 31.90 -6.57
N LYS C 204 -42.44 32.50 -5.64
CA LYS C 204 -42.88 33.87 -5.74
C LYS C 204 -41.85 34.96 -5.63
N GLN C 205 -41.00 34.94 -4.62
CA GLN C 205 -40.00 36.01 -4.47
C GLN C 205 -38.75 35.88 -5.37
N VAL C 206 -38.83 35.06 -6.42
CA VAL C 206 -37.66 34.86 -7.27
C VAL C 206 -37.92 35.24 -8.73
N GLY C 207 -37.01 36.05 -9.27
CA GLY C 207 -37.13 36.54 -10.63
C GLY C 207 -36.69 35.69 -11.80
N GLY C 208 -36.66 36.32 -12.97
CA GLY C 208 -36.28 35.62 -14.19
C GLY C 208 -37.46 35.06 -14.97
N PRO C 209 -37.27 34.79 -16.27
CA PRO C 209 -38.39 34.25 -17.05
C PRO C 209 -38.83 32.89 -16.53
N ILE C 210 -39.98 32.46 -16.99
CA ILE C 210 -40.50 31.16 -16.60
C ILE C 210 -40.93 30.41 -17.86
N VAL C 211 -40.51 29.17 -17.97
CA VAL C 211 -40.88 28.37 -19.12
C VAL C 211 -42.29 27.85 -18.90
N LYS C 212 -43.09 27.80 -19.96
CA LYS C 212 -44.45 27.36 -19.77
C LYS C 212 -44.78 26.13 -20.56
N THR C 213 -45.85 25.47 -20.14
CA THR C 213 -46.27 24.30 -20.84
C THR C 213 -47.77 24.07 -20.70
N SER C 214 -48.26 23.20 -21.56
CA SER C 214 -49.66 22.87 -21.62
C SER C 214 -49.94 21.35 -21.58
N GLY C 215 -50.03 20.80 -20.37
CA GLY C 215 -50.33 19.39 -20.22
C GLY C 215 -49.16 18.45 -19.97
N VAL C 216 -49.48 17.14 -20.05
CA VAL C 216 -48.54 16.02 -19.88
C VAL C 216 -49.13 14.79 -20.61
N GLY C 217 -48.27 13.92 -21.13
CA GLY C 217 -48.74 12.74 -21.85
C GLY C 217 -48.22 11.43 -21.31
N ARG C 218 -49.11 10.47 -21.12
CA ARG C 218 -48.76 9.16 -20.59
C ARG C 218 -48.55 8.14 -21.71
N VAL C 219 -47.38 7.51 -21.75
CA VAL C 219 -47.14 6.52 -22.79
C VAL C 219 -47.57 5.12 -22.35
N GLN C 220 -48.05 4.34 -23.32
CA GLN C 220 -48.51 2.96 -23.10
C GLN C 220 -47.36 2.13 -22.55
N PRO C 221 -47.46 1.72 -21.29
CA PRO C 221 -46.47 0.93 -20.56
C PRO C 221 -46.29 -0.51 -21.01
N ASN C 222 -45.15 -1.07 -20.60
CA ASN C 222 -44.77 -2.46 -20.85
C ASN C 222 -44.67 -2.94 -22.28
N ASN C 223 -44.35 -1.98 -23.15
CA ASN C 223 -44.17 -2.23 -24.57
C ASN C 223 -43.06 -1.35 -25.09
N GLU C 224 -42.07 -1.96 -25.75
CA GLU C 224 -40.94 -1.21 -26.27
C GLU C 224 -41.32 -0.19 -27.35
N GLY C 225 -42.03 -0.64 -28.38
CA GLY C 225 -42.43 0.23 -29.47
C GLY C 225 -42.98 1.55 -28.99
N ASN C 226 -43.98 1.48 -28.10
CA ASN C 226 -44.61 2.68 -27.57
C ASN C 226 -43.59 3.68 -27.06
N LEU C 227 -42.63 3.16 -26.30
CA LEU C 227 -41.60 3.99 -25.74
C LEU C 227 -40.67 4.58 -26.79
N LEU C 228 -40.00 3.73 -27.56
CA LEU C 228 -39.10 4.18 -28.60
C LEU C 228 -39.66 5.33 -29.43
N ASN C 229 -40.88 5.18 -29.94
CA ASN C 229 -41.53 6.21 -30.75
C ASN C 229 -41.71 7.49 -29.98
N ALA C 230 -42.03 7.33 -28.70
CA ALA C 230 -42.21 8.46 -27.81
C ALA C 230 -40.87 9.20 -27.69
N ILE C 231 -39.85 8.44 -27.31
CA ILE C 231 -38.49 8.96 -27.15
C ILE C 231 -38.12 9.71 -28.42
N ALA C 232 -38.52 9.14 -29.54
CA ALA C 232 -38.27 9.70 -30.86
C ALA C 232 -38.74 11.12 -31.04
N LYS C 233 -39.87 11.47 -30.42
CA LYS C 233 -40.37 12.83 -30.57
C LYS C 233 -39.70 13.83 -29.61
N GLN C 234 -39.25 13.32 -28.48
CA GLN C 234 -38.62 14.15 -27.45
C GLN C 234 -38.21 13.29 -26.27
N PRO C 235 -37.46 13.87 -25.31
CA PRO C 235 -37.03 13.11 -24.13
C PRO C 235 -38.13 12.82 -23.09
N VAL C 236 -38.24 11.53 -22.74
CA VAL C 236 -39.21 10.95 -21.83
C VAL C 236 -38.68 10.68 -20.41
N SER C 237 -39.53 10.88 -19.41
CA SER C 237 -39.14 10.55 -18.04
C SER C 237 -39.56 9.09 -17.85
N VAL C 238 -38.67 8.28 -17.31
CA VAL C 238 -39.00 6.89 -17.09
C VAL C 238 -38.39 6.32 -15.80
N VAL C 239 -38.90 5.15 -15.39
CA VAL C 239 -38.49 4.54 -14.13
C VAL C 239 -37.67 3.27 -14.21
N VAL C 240 -36.96 2.95 -13.12
CA VAL C 240 -36.09 1.76 -13.08
C VAL C 240 -35.69 1.31 -11.66
N GLU C 241 -35.21 0.06 -11.53
CA GLU C 241 -34.75 -0.46 -10.22
C GLU C 241 -33.28 -0.25 -10.03
N SER C 242 -32.90 0.91 -9.51
CA SER C 242 -31.48 1.23 -9.29
C SER C 242 -30.77 0.73 -8.00
N LYS C 243 -31.45 -0.02 -7.12
CA LYS C 243 -30.85 -0.49 -5.88
C LYS C 243 -29.79 -1.59 -6.05
N GLY C 244 -29.77 -2.24 -7.21
CA GLY C 244 -28.82 -3.31 -7.47
C GLY C 244 -27.35 -2.99 -7.17
N ARG C 245 -26.57 -4.02 -6.81
CA ARG C 245 -25.15 -3.82 -6.55
C ARG C 245 -24.44 -3.58 -7.90
N PRO C 246 -24.83 -4.34 -8.95
CA PRO C 246 -24.21 -4.14 -10.25
C PRO C 246 -24.39 -2.65 -10.58
N PHE C 247 -25.65 -2.21 -10.52
CA PHE C 247 -26.03 -0.83 -10.80
C PHE C 247 -25.17 0.19 -10.02
N GLN C 248 -24.93 -0.10 -8.76
CA GLN C 248 -24.12 0.77 -7.92
C GLN C 248 -22.75 1.00 -8.53
N LEU C 249 -22.14 -0.10 -8.93
CA LEU C 249 -20.80 -0.05 -9.47
C LEU C 249 -20.69 -0.07 -10.99
N TYR C 250 -21.74 0.33 -11.69
CA TYR C 250 -21.68 0.36 -13.16
C TYR C 250 -20.63 1.34 -13.71
N LYS C 251 -19.89 0.95 -14.76
CA LYS C 251 -18.92 1.84 -15.36
C LYS C 251 -19.27 2.15 -16.82
N GLY C 252 -19.59 1.12 -17.60
CA GLY C 252 -19.94 1.30 -18.99
C GLY C 252 -20.54 0.06 -19.63
N GLY C 253 -21.03 0.20 -20.85
CA GLY C 253 -21.61 -0.90 -21.61
C GLY C 253 -23.11 -0.96 -21.69
N ILE C 254 -23.60 -2.10 -22.18
CA ILE C 254 -25.03 -2.34 -22.29
C ILE C 254 -25.36 -3.13 -21.03
N PHE C 255 -25.94 -2.45 -20.04
CA PHE C 255 -26.30 -3.12 -18.80
C PHE C 255 -27.47 -4.09 -19.05
N GLU C 256 -27.28 -5.36 -18.73
CA GLU C 256 -28.32 -6.35 -18.92
C GLU C 256 -28.59 -7.17 -17.63
N GLY C 257 -28.65 -6.45 -16.51
CA GLY C 257 -28.87 -7.10 -15.22
C GLY C 257 -27.58 -7.62 -14.60
N PRO C 258 -27.65 -8.35 -13.49
CA PRO C 258 -28.91 -8.67 -12.83
C PRO C 258 -29.56 -7.47 -12.10
N CYS C 259 -30.91 -7.43 -12.16
CA CYS C 259 -31.72 -6.39 -11.52
C CYS C 259 -33.19 -6.84 -11.59
N GLY C 260 -33.95 -6.53 -10.54
CA GLY C 260 -35.36 -6.89 -10.50
C GLY C 260 -36.23 -5.78 -11.07
N THR C 261 -37.55 -5.93 -10.97
CA THR C 261 -38.47 -4.91 -11.49
C THR C 261 -39.11 -3.99 -10.44
N LYS C 262 -38.60 -4.04 -9.21
CA LYS C 262 -39.11 -3.23 -8.09
C LYS C 262 -38.43 -1.85 -8.20
N VAL C 263 -39.00 -1.02 -9.06
CA VAL C 263 -38.51 0.34 -9.35
C VAL C 263 -38.47 1.32 -8.18
N ASP C 264 -37.36 2.05 -8.09
CA ASP C 264 -37.14 3.01 -7.01
C ASP C 264 -36.60 4.38 -7.43
N GLY C 265 -36.50 4.62 -8.75
CA GLY C 265 -35.96 5.89 -9.25
C GLY C 265 -36.45 6.39 -10.62
N ALA C 266 -36.33 7.71 -10.78
CA ALA C 266 -36.73 8.43 -12.00
C ALA C 266 -35.51 8.96 -12.76
N VAL C 267 -35.46 8.62 -14.03
CA VAL C 267 -34.34 9.02 -14.87
C VAL C 267 -34.86 9.60 -16.19
N THR C 268 -33.96 10.11 -17.03
CA THR C 268 -34.38 10.64 -18.30
C THR C 268 -33.80 9.95 -19.54
N ALA C 269 -34.63 9.24 -20.31
CA ALA C 269 -34.18 8.56 -21.52
C ALA C 269 -34.05 9.66 -22.59
N VAL C 270 -32.84 9.85 -23.10
CA VAL C 270 -32.63 10.88 -24.10
C VAL C 270 -32.27 10.31 -25.45
N GLY C 271 -32.41 9.00 -25.60
CA GLY C 271 -32.13 8.37 -26.87
C GLY C 271 -32.17 6.86 -26.80
N TYR C 272 -31.96 6.25 -27.96
CA TYR C 272 -31.91 4.81 -28.09
C TYR C 272 -31.02 4.59 -29.30
N GLY C 273 -30.60 3.37 -29.48
CA GLY C 273 -29.74 3.03 -30.58
C GLY C 273 -29.52 1.55 -30.55
N LYS C 274 -28.51 1.13 -31.29
CA LYS C 274 -28.15 -0.27 -31.40
C LYS C 274 -26.66 -0.30 -31.67
N SER C 275 -25.98 -1.27 -31.07
CA SER C 275 -24.54 -1.44 -31.28
C SER C 275 -24.37 -2.83 -31.84
N GLY C 276 -24.70 -2.95 -33.12
CA GLY C 276 -24.60 -4.21 -33.83
C GLY C 276 -25.11 -5.42 -33.09
N GLY C 277 -26.41 -5.69 -33.19
CA GLY C 277 -26.97 -6.85 -32.51
C GLY C 277 -27.76 -6.49 -31.28
N LYS C 278 -27.11 -5.87 -30.31
CA LYS C 278 -27.79 -5.46 -29.10
C LYS C 278 -28.37 -4.05 -29.23
N GLY C 279 -29.64 -3.91 -28.86
CA GLY C 279 -30.32 -2.63 -28.92
C GLY C 279 -30.39 -2.07 -27.51
N TYR C 280 -30.49 -0.75 -27.38
CA TYR C 280 -30.52 -0.14 -26.06
C TYR C 280 -31.24 1.21 -26.02
N ILE C 281 -31.47 1.69 -24.80
CA ILE C 281 -32.08 3.00 -24.55
C ILE C 281 -31.00 3.73 -23.77
N LEU C 282 -30.78 5.00 -24.10
CA LEU C 282 -29.75 5.81 -23.45
C LEU C 282 -30.35 6.76 -22.42
N ILE C 283 -29.85 6.66 -21.20
CA ILE C 283 -30.36 7.42 -20.07
C ILE C 283 -29.38 8.36 -19.42
N LYS C 284 -29.91 9.52 -19.02
CA LYS C 284 -29.15 10.53 -18.30
C LYS C 284 -29.59 10.33 -16.84
N ASN C 285 -28.62 10.16 -15.94
CA ASN C 285 -28.86 9.93 -14.51
C ASN C 285 -28.42 11.15 -13.68
N SER C 286 -28.79 11.16 -12.40
CA SER C 286 -28.53 12.26 -11.49
C SER C 286 -27.43 11.99 -10.51
N TRP C 287 -26.43 11.20 -10.90
CA TRP C 287 -25.35 10.90 -9.95
C TRP C 287 -24.00 11.51 -10.25
N GLY C 288 -24.00 12.58 -11.04
CA GLY C 288 -22.75 13.24 -11.38
C GLY C 288 -22.09 12.56 -12.55
N THR C 289 -20.89 13.01 -12.88
CA THR C 289 -20.16 12.45 -14.00
C THR C 289 -19.17 11.36 -13.66
N ALA C 290 -18.96 11.10 -12.37
CA ALA C 290 -18.04 10.06 -11.93
C ALA C 290 -18.66 8.67 -11.88
N TRP C 291 -19.95 8.57 -12.20
CA TRP C 291 -20.69 7.30 -12.25
C TRP C 291 -21.00 6.95 -13.72
N GLY C 292 -20.94 5.67 -14.08
CA GLY C 292 -21.24 5.27 -15.45
C GLY C 292 -20.43 5.96 -16.53
N GLU C 293 -21.05 6.11 -17.69
CA GLU C 293 -20.40 6.74 -18.85
C GLU C 293 -20.62 8.24 -18.81
N LYS C 294 -19.77 8.89 -18.02
CA LYS C 294 -19.83 10.32 -17.81
C LYS C 294 -21.22 10.82 -17.36
N GLY C 295 -21.82 10.07 -16.43
CA GLY C 295 -23.13 10.37 -15.89
C GLY C 295 -24.25 9.57 -16.51
N TYR C 296 -24.02 8.98 -17.69
CA TYR C 296 -25.06 8.22 -18.39
C TYR C 296 -24.93 6.69 -18.30
N ILE C 297 -25.99 5.99 -18.72
CA ILE C 297 -26.01 4.53 -18.75
C ILE C 297 -26.85 4.04 -19.95
N ARG C 298 -26.43 2.96 -20.60
CA ARG C 298 -27.20 2.45 -21.73
C ARG C 298 -27.77 1.11 -21.29
N ILE C 299 -29.09 0.99 -21.25
CA ILE C 299 -29.73 -0.26 -20.80
C ILE C 299 -30.31 -1.08 -21.94
N LYS C 300 -30.19 -2.38 -21.83
CA LYS C 300 -30.68 -3.29 -22.86
C LYS C 300 -32.16 -3.14 -23.11
N ARG C 301 -32.52 -3.36 -24.35
CA ARG C 301 -33.90 -3.27 -24.75
C ARG C 301 -34.56 -4.65 -24.78
N ALA C 302 -35.64 -4.75 -24.03
CA ALA C 302 -36.47 -5.93 -24.07
C ALA C 302 -37.50 -5.68 -25.14
N PRO C 303 -37.63 -6.61 -26.04
CA PRO C 303 -38.46 -6.48 -27.23
C PRO C 303 -39.93 -6.46 -26.99
N GLY C 304 -40.60 -5.62 -27.72
CA GLY C 304 -42.03 -5.62 -27.66
C GLY C 304 -42.65 -5.70 -26.27
N ASN C 305 -42.97 -6.91 -25.77
CA ASN C 305 -43.80 -7.00 -24.56
C ASN C 305 -43.25 -7.60 -23.29
N SER C 306 -43.00 -6.71 -22.34
CA SER C 306 -42.46 -7.06 -21.03
C SER C 306 -42.35 -5.73 -20.27
N PRO C 307 -42.00 -5.79 -18.98
CA PRO C 307 -41.89 -4.55 -18.20
C PRO C 307 -40.61 -3.79 -18.49
N GLY C 308 -39.73 -4.45 -19.23
CA GLY C 308 -38.45 -3.87 -19.57
C GLY C 308 -37.43 -4.44 -18.60
N VAL C 309 -36.17 -4.24 -18.92
CA VAL C 309 -35.06 -4.70 -18.08
C VAL C 309 -35.11 -3.76 -16.87
N CYS C 310 -35.02 -4.29 -15.65
CA CYS C 310 -35.09 -3.47 -14.43
C CYS C 310 -36.38 -2.62 -14.41
N GLY C 311 -37.45 -3.20 -14.97
CA GLY C 311 -38.75 -2.55 -15.04
C GLY C 311 -38.73 -1.21 -15.71
N LEU C 312 -37.93 -1.12 -16.75
CA LEU C 312 -37.76 0.13 -17.47
C LEU C 312 -39.01 0.67 -18.17
N TYR C 313 -39.77 -0.25 -18.76
CA TYR C 313 -40.96 0.12 -19.49
C TYR C 313 -42.15 0.46 -18.61
N LYS C 314 -42.08 0.05 -17.34
CA LYS C 314 -43.14 0.27 -16.38
C LYS C 314 -43.86 1.62 -16.24
N SER C 315 -43.18 2.76 -16.34
CA SER C 315 -43.89 4.03 -16.18
C SER C 315 -43.18 5.24 -16.83
N SER C 316 -43.66 5.64 -18.01
CA SER C 316 -43.07 6.75 -18.75
C SER C 316 -44.07 7.86 -19.07
N TYR C 317 -43.63 9.11 -18.90
CA TYR C 317 -44.45 10.32 -19.13
C TYR C 317 -43.60 11.40 -19.80
N TYR C 318 -44.25 12.34 -20.49
CA TYR C 318 -43.55 13.42 -21.19
C TYR C 318 -44.34 14.71 -21.14
N PRO C 319 -43.66 15.85 -21.03
CA PRO C 319 -44.46 17.07 -21.00
C PRO C 319 -44.89 17.34 -22.45
N THR C 320 -46.03 18.02 -22.66
CA THR C 320 -46.50 18.39 -24.01
C THR C 320 -46.56 19.92 -24.05
N LYS C 321 -45.86 20.55 -24.99
CA LYS C 321 -45.89 22.01 -25.08
C LYS C 321 -46.54 22.48 -26.36
N ASN C 322 -47.26 23.59 -26.21
CA ASN C 322 -48.01 24.32 -27.24
C ASN C 322 -47.16 24.62 -28.48
#